data_2CER
#
_entry.id   2CER
#
_cell.length_a   167.943
_cell.length_b   167.943
_cell.length_c   95.875
_cell.angle_alpha   90.00
_cell.angle_beta   90.00
_cell.angle_gamma   120.00
#
_symmetry.space_group_name_H-M   'P 31 2 1'
#
loop_
_entity.id
_entity.type
_entity.pdbx_description
1 polymer 'BETA-GLUCOSIDASE A'
2 non-polymer (5R,6R,7S,8S)-5-(HYDROXYMETHYL)-2-(2-PHENYLETHYL)-1,5,6,7,8,8A-HEXAHYDROIMIDAZO[1,2-A]PYRIDINE-6,7,8-TRIOL
3 non-polymer 'ACETATE ION'
4 water water
#
_entity_poly.entity_id   1
_entity_poly.type   'polypeptide(L)'
_entity_poly.pdbx_seq_one_letter_code
;MYSFPNSFRFGWSQAGFQSEMGTPGSEDPNTDWYKWVHDPENMAAGLVSGDLPENGPGYWGNYKTFHDNAQKMGLKIARL
NVEWSRIFPNPLPRPQNFDESKQDVTEVEINENELKRLDEYANKDALNHYREIFKDLKSRGLYFILNMYHWPLPLWLHDP
IRVRRGDFTGPSGWLSTRTVYEFARFSAYIAWKFDDLVDEYSTMNEPNVVGGLGYVGVKSGFPPGYLSFELSRRAMYNII
QAHARAYDGIKSVSKKPVGIIYANSSFQPLTDKDMEAVEMAENDNRWWFFDAIIRGEITRGNEKIVRDDLKGRLDWIGVN
YYTRTVVKRTEKGYVSLGGYGHGCERNSVSLAGLPTSDFGWEFFPEGLYDVLTKYWNRYHLYMYVTENGIADDADYQRPY
YLVSHVYQVHRAINSGADVRGYLHWSLADNYEWASGFSMRFGLLKVDYNTKRLYWRPSALVYREIATNGAITDEIEHLNS
VPPVKPLRH
;
_entity_poly.pdbx_strand_id   A,B
#
loop_
_chem_comp.id
_chem_comp.type
_chem_comp.name
_chem_comp.formula
ACT non-polymer 'ACETATE ION' 'C2 H3 O2 -1'
PGI non-polymer (5R,6R,7S,8S)-5-(HYDROXYMETHYL)-2-(2-PHENYLETHYL)-1,5,6,7,8,8A-HEXAHYDROIMIDAZO[1,2-A]PYRIDINE-6,7,8-TRIOL 'C16 H21 N2 O4 1'
#
# COMPACT_ATOMS: atom_id res chain seq x y z
N MET A 1 -4.47 -29.65 34.05
CA MET A 1 -4.26 -28.29 34.58
C MET A 1 -2.83 -27.74 34.36
N TYR A 2 -2.77 -26.45 34.02
CA TYR A 2 -1.51 -25.72 33.95
C TYR A 2 -1.56 -24.54 34.92
N SER A 3 -0.90 -24.72 36.06
CA SER A 3 -0.98 -23.78 37.16
C SER A 3 0.14 -22.76 37.07
N PHE A 4 -0.19 -21.50 37.33
CA PHE A 4 0.79 -20.43 37.24
C PHE A 4 1.21 -20.04 38.65
N PRO A 5 2.43 -19.46 38.80
CA PRO A 5 2.87 -19.02 40.13
C PRO A 5 1.85 -18.07 40.75
N ASN A 6 1.69 -18.14 42.07
CA ASN A 6 0.74 -17.32 42.80
C ASN A 6 0.90 -15.83 42.56
N SER A 7 2.11 -15.45 42.16
CA SER A 7 2.47 -14.04 41.96
C SER A 7 2.28 -13.57 40.52
N PHE A 8 2.21 -14.53 39.57
CA PHE A 8 1.89 -14.29 38.15
C PHE A 8 0.53 -13.62 38.01
N ARG A 9 0.44 -12.61 37.14
CA ARG A 9 -0.83 -11.88 36.96
C ARG A 9 -1.28 -11.91 35.50
N PHE A 10 -2.59 -12.06 35.33
CA PHE A 10 -3.26 -12.00 34.03
C PHE A 10 -3.99 -10.68 33.87
N GLY A 11 -3.84 -10.06 32.71
CA GLY A 11 -4.59 -8.86 32.40
C GLY A 11 -4.62 -8.48 30.96
N TRP A 12 -4.48 -7.17 30.72
CA TRP A 12 -4.61 -6.63 29.37
C TRP A 12 -3.76 -5.39 29.16
N SER A 13 -3.55 -5.11 27.87
CA SER A 13 -2.89 -3.93 27.41
C SER A 13 -3.86 -3.12 26.52
N GLN A 14 -3.61 -1.83 26.47
CA GLN A 14 -4.50 -0.86 25.85
C GLN A 14 -3.61 0.35 25.47
N ALA A 15 -3.96 1.06 24.38
CA ALA A 15 -3.29 2.30 23.98
C ALA A 15 -4.23 3.49 24.10
N GLY A 16 -3.62 4.66 24.38
CA GLY A 16 -4.38 5.91 24.51
C GLY A 16 -5.10 6.32 23.25
N PHE A 17 -4.37 6.41 22.15
CA PHE A 17 -4.96 6.88 20.89
C PHE A 17 -6.04 5.94 20.36
N GLN A 18 -5.90 4.65 20.67
CA GLN A 18 -6.79 3.60 20.14
C GLN A 18 -8.10 3.49 20.91
N SER A 19 -8.04 3.71 22.22
CA SER A 19 -9.17 3.45 23.12
C SER A 19 -9.82 4.67 23.79
N GLU A 20 -9.12 5.80 23.94
CA GLU A 20 -9.65 6.93 24.77
C GLU A 20 -10.82 7.66 24.10
N MET A 21 -10.65 8.05 22.86
CA MET A 21 -11.67 8.85 22.18
C MET A 21 -12.95 8.08 21.86
N GLY A 22 -14.04 8.82 21.67
CA GLY A 22 -15.34 8.24 21.33
C GLY A 22 -16.50 8.85 22.10
N THR A 23 -16.25 9.18 23.38
CA THR A 23 -17.17 9.96 24.20
C THR A 23 -16.96 11.48 24.00
N PRO A 24 -18.03 12.23 23.66
CA PRO A 24 -17.84 13.71 23.59
C PRO A 24 -17.03 14.27 24.79
N GLY A 25 -16.06 15.13 24.50
CA GLY A 25 -15.15 15.66 25.52
C GLY A 25 -13.75 15.08 25.48
N SER A 26 -13.61 13.92 24.85
CA SER A 26 -12.37 13.13 24.89
C SER A 26 -11.39 13.50 23.78
N GLU A 27 -11.84 14.33 22.83
CA GLU A 27 -11.10 14.52 21.58
CA GLU A 27 -11.15 14.59 21.57
C GLU A 27 -9.74 15.18 21.75
N ASP A 28 -8.74 14.55 21.16
CA ASP A 28 -7.37 15.05 21.20
C ASP A 28 -6.93 15.20 19.76
N PRO A 29 -7.02 16.44 19.18
CA PRO A 29 -6.62 16.61 17.80
C PRO A 29 -5.13 16.86 17.67
N ASN A 30 -4.40 16.81 18.78
CA ASN A 30 -3.01 17.32 18.81
C ASN A 30 -1.85 16.34 18.57
N THR A 31 -2.06 15.36 17.70
CA THR A 31 -1.02 14.36 17.42
C THR A 31 -0.75 14.26 15.95
N ASP A 32 0.43 13.78 15.58
CA ASP A 32 0.72 13.40 14.19
C ASP A 32 -0.29 12.38 13.62
N TRP A 33 -0.56 11.33 14.40
CA TRP A 33 -1.55 10.30 14.04
C TRP A 33 -2.94 10.84 13.79
N TYR A 34 -3.43 11.72 14.65
CA TYR A 34 -4.76 12.31 14.43
C TYR A 34 -4.81 13.00 13.08
N LYS A 35 -3.81 13.85 12.83
CA LYS A 35 -3.73 14.61 11.59
C LYS A 35 -3.56 13.70 10.39
N TRP A 36 -2.68 12.71 10.57
CA TRP A 36 -2.39 11.73 9.54
C TRP A 36 -3.63 10.95 9.05
N VAL A 37 -4.50 10.52 9.98
CA VAL A 37 -5.71 9.73 9.64
C VAL A 37 -6.89 10.58 9.16
N HIS A 38 -6.78 11.91 9.34
CA HIS A 38 -7.75 12.87 8.80
C HIS A 38 -7.32 13.46 7.49
N ASP A 39 -6.12 13.11 7.04
CA ASP A 39 -5.59 13.76 5.87
C ASP A 39 -6.34 13.31 4.65
N PRO A 40 -6.88 14.28 3.89
CA PRO A 40 -7.56 14.04 2.62
C PRO A 40 -6.77 13.19 1.62
N GLU A 41 -5.49 13.52 1.44
CA GLU A 41 -4.66 12.80 0.49
C GLU A 41 -4.43 11.35 0.94
N ASN A 42 -4.13 11.16 2.23
CA ASN A 42 -3.96 9.84 2.82
C ASN A 42 -5.22 8.98 2.66
N MET A 43 -6.40 9.60 2.81
CA MET A 43 -7.68 8.91 2.65
CA MET A 43 -7.67 8.89 2.67
C MET A 43 -7.90 8.46 1.21
N ALA A 44 -7.73 9.40 0.28
CA ALA A 44 -7.86 9.11 -1.14
C ALA A 44 -6.85 8.06 -1.63
N ALA A 45 -5.67 8.05 -1.03
CA ALA A 45 -4.63 7.09 -1.39
C ALA A 45 -4.93 5.67 -0.84
N GLY A 46 -5.86 5.59 0.13
CA GLY A 46 -6.16 4.34 0.81
C GLY A 46 -5.12 3.97 1.85
N LEU A 47 -4.26 4.92 2.22
CA LEU A 47 -3.21 4.66 3.20
C LEU A 47 -3.83 4.55 4.58
N VAL A 48 -4.87 5.35 4.82
CA VAL A 48 -5.69 5.24 6.01
C VAL A 48 -7.13 4.86 5.64
N SER A 49 -7.83 4.21 6.56
CA SER A 49 -9.16 3.66 6.30
C SER A 49 -10.26 4.69 6.09
N GLY A 50 -10.12 5.87 6.67
CA GLY A 50 -11.21 6.83 6.62
C GLY A 50 -11.97 6.85 7.94
N ASP A 51 -11.77 5.81 8.74
CA ASP A 51 -12.30 5.73 10.08
C ASP A 51 -11.54 6.72 10.92
N LEU A 52 -12.21 7.30 11.89
CA LEU A 52 -11.62 8.38 12.67
C LEU A 52 -11.62 8.03 14.12
N PRO A 53 -10.51 8.29 14.82
CA PRO A 53 -10.41 7.81 16.19
C PRO A 53 -11.44 8.44 17.17
N GLU A 54 -12.04 9.58 16.80
CA GLU A 54 -12.97 10.28 17.70
C GLU A 54 -14.32 9.57 17.73
N ASN A 55 -14.48 8.56 16.89
CA ASN A 55 -15.68 7.71 16.93
C ASN A 55 -15.38 6.37 17.61
N GLY A 56 -14.34 6.35 18.43
CA GLY A 56 -13.83 5.16 19.08
C GLY A 56 -14.62 4.65 20.27
N PRO A 57 -13.98 3.79 21.08
CA PRO A 57 -14.68 3.11 22.17
C PRO A 57 -14.97 3.94 23.43
N GLY A 58 -14.41 5.15 23.54
CA GLY A 58 -14.65 6.06 24.67
C GLY A 58 -14.16 5.62 26.04
N TYR A 59 -12.92 5.14 26.14
CA TYR A 59 -12.32 4.85 27.46
C TYR A 59 -12.15 6.07 28.37
N TRP A 60 -11.92 7.25 27.76
CA TRP A 60 -11.82 8.55 28.47
C TRP A 60 -13.02 8.80 29.40
N GLY A 61 -14.23 8.72 28.87
CA GLY A 61 -15.44 8.77 29.70
C GLY A 61 -15.89 7.48 30.38
N ASN A 62 -15.71 6.33 29.71
CA ASN A 62 -16.29 5.06 30.19
C ASN A 62 -15.32 4.10 30.89
N TYR A 63 -14.17 4.60 31.33
CA TYR A 63 -13.14 3.77 31.97
C TYR A 63 -13.62 2.94 33.15
N LYS A 64 -14.67 3.38 33.84
CA LYS A 64 -15.18 2.64 35.01
C LYS A 64 -15.84 1.34 34.60
N THR A 65 -16.64 1.40 33.54
CA THR A 65 -17.16 0.21 32.86
C THR A 65 -16.06 -0.76 32.42
N PHE A 66 -15.00 -0.22 31.78
CA PHE A 66 -13.87 -1.05 31.36
C PHE A 66 -13.31 -1.83 32.53
N HIS A 67 -13.04 -1.12 33.63
CA HIS A 67 -12.43 -1.66 34.85
C HIS A 67 -13.37 -2.61 35.62
N ASP A 68 -14.67 -2.33 35.61
CA ASP A 68 -15.66 -3.22 36.21
CA ASP A 68 -15.73 -3.21 36.17
C ASP A 68 -15.57 -4.61 35.58
N ASN A 69 -15.63 -4.66 34.25
CA ASN A 69 -15.53 -5.86 33.45
C ASN A 69 -14.23 -6.60 33.63
N ALA A 70 -13.13 -5.85 33.67
CA ALA A 70 -11.79 -6.40 33.93
C ALA A 70 -11.70 -7.09 35.29
N GLN A 71 -12.36 -6.50 36.28
CA GLN A 71 -12.39 -7.03 37.63
C GLN A 71 -13.28 -8.28 37.70
N LYS A 72 -14.45 -8.22 37.08
CA LYS A 72 -15.31 -9.40 36.91
C LYS A 72 -14.56 -10.54 36.22
N MET A 73 -13.69 -10.19 35.26
CA MET A 73 -12.93 -11.18 34.50
CA MET A 73 -12.94 -11.19 34.50
C MET A 73 -11.79 -11.77 35.31
N GLY A 74 -11.61 -11.29 36.54
CA GLY A 74 -10.53 -11.72 37.43
C GLY A 74 -9.16 -11.17 37.05
N LEU A 75 -9.12 -10.08 36.31
CA LEU A 75 -7.82 -9.54 35.84
C LEU A 75 -7.13 -8.80 36.98
N LYS A 76 -5.81 -8.91 37.04
CA LYS A 76 -5.05 -8.34 38.15
CA LYS A 76 -5.04 -8.36 38.16
C LYS A 76 -3.88 -7.44 37.73
N ILE A 77 -3.77 -7.17 36.42
CA ILE A 77 -2.71 -6.33 35.86
C ILE A 77 -3.21 -5.60 34.62
N ALA A 78 -2.68 -4.41 34.39
CA ALA A 78 -3.09 -3.57 33.29
C ALA A 78 -1.92 -2.74 32.88
N ARG A 79 -1.71 -2.65 31.56
CA ARG A 79 -0.72 -1.75 31.01
C ARG A 79 -1.34 -0.84 29.97
N LEU A 80 -1.22 0.47 30.21
CA LEU A 80 -1.58 1.46 29.23
C LEU A 80 -0.63 2.64 29.23
N ASN A 81 -0.89 3.61 28.35
CA ASN A 81 -0.07 4.81 28.24
C ASN A 81 -0.85 6.11 28.53
N VAL A 82 -0.13 7.12 29.00
CA VAL A 82 -0.60 8.50 28.88
C VAL A 82 -0.26 9.01 27.47
N GLU A 83 -1.16 9.81 26.89
CA GLU A 83 -0.89 10.50 25.64
C GLU A 83 -0.18 11.85 25.88
N TRP A 84 1.11 11.91 25.53
CA TRP A 84 2.00 13.09 25.56
C TRP A 84 1.26 14.37 25.17
N SER A 85 0.63 14.32 24.00
CA SER A 85 -0.08 15.40 23.41
C SER A 85 -1.20 15.93 24.29
N ARG A 86 -1.77 15.10 25.15
CA ARG A 86 -2.82 15.55 26.05
C ARG A 86 -2.19 16.39 27.16
N ILE A 87 -1.02 15.96 27.64
CA ILE A 87 -0.32 16.64 28.72
C ILE A 87 0.38 17.94 28.24
N PHE A 88 1.05 17.85 27.09
CA PHE A 88 1.68 19.01 26.47
C PHE A 88 1.19 19.27 25.04
N PRO A 89 -0.01 19.86 24.91
CA PRO A 89 -0.58 20.15 23.60
C PRO A 89 0.12 21.29 22.82
N ASN A 90 0.80 22.18 23.56
CA ASN A 90 1.40 23.40 23.01
C ASN A 90 2.91 23.35 23.03
N PRO A 91 3.55 23.96 22.00
CA PRO A 91 5.01 23.92 21.88
C PRO A 91 5.72 24.40 23.14
N LEU A 92 6.79 23.68 23.48
CA LEU A 92 7.68 24.11 24.52
C LEU A 92 8.79 24.95 23.88
N PRO A 93 9.25 26.00 24.58
CA PRO A 93 10.38 26.81 24.09
C PRO A 93 11.62 25.95 23.95
N ARG A 94 12.41 26.19 22.91
CA ARG A 94 13.60 25.38 22.66
CA ARG A 94 13.61 25.39 22.64
C ARG A 94 14.58 25.36 23.84
N PRO A 95 15.21 24.19 24.08
CA PRO A 95 16.17 24.03 25.17
C PRO A 95 17.29 25.07 25.11
N GLN A 96 17.60 25.64 26.28
CA GLN A 96 18.62 26.68 26.38
C GLN A 96 20.00 26.12 25.99
N ASN A 97 20.54 26.69 24.92
CA ASN A 97 21.80 26.21 24.30
CA ASN A 97 21.73 26.18 24.21
C ASN A 97 22.00 24.68 24.34
N PHE A 98 21.02 23.93 23.83
CA PHE A 98 21.09 22.49 23.57
C PHE A 98 21.38 22.46 22.08
N ASP A 99 22.37 21.66 21.68
CA ASP A 99 22.86 21.72 20.32
C ASP A 99 22.18 20.69 19.41
N GLU A 100 21.22 21.17 18.63
CA GLU A 100 20.31 20.33 17.85
C GLU A 100 20.96 19.72 16.59
N SER A 101 22.25 20.04 16.38
CA SER A 101 23.07 19.46 15.30
C SER A 101 23.91 18.28 15.78
N LYS A 102 24.06 18.17 17.09
CA LYS A 102 24.78 17.07 17.75
C LYS A 102 23.97 15.78 17.56
N GLN A 103 24.63 14.72 17.13
CA GLN A 103 24.00 13.43 16.81
CA GLN A 103 23.92 13.49 16.83
C GLN A 103 23.62 12.60 18.05
N ASP A 104 24.54 12.57 19.01
CA ASP A 104 24.32 11.87 20.28
C ASP A 104 23.67 12.78 21.31
N VAL A 105 22.80 12.18 22.11
CA VAL A 105 22.22 12.84 23.27
C VAL A 105 22.58 11.90 24.40
N THR A 106 23.68 12.23 25.10
CA THR A 106 24.26 11.34 26.11
C THR A 106 23.76 11.63 27.52
N GLU A 107 23.14 12.80 27.69
CA GLU A 107 22.41 13.10 28.90
C GLU A 107 21.47 14.30 28.76
N VAL A 108 20.41 14.29 29.57
CA VAL A 108 19.43 15.35 29.63
C VAL A 108 19.24 15.62 31.11
N GLU A 109 19.74 16.77 31.57
CA GLU A 109 19.71 17.07 32.99
C GLU A 109 18.30 17.45 33.37
N ILE A 110 17.77 16.77 34.38
CA ILE A 110 16.42 17.05 34.86
C ILE A 110 16.48 17.15 36.38
N ASN A 111 15.83 18.17 36.93
CA ASN A 111 15.74 18.33 38.38
C ASN A 111 14.40 18.96 38.75
N GLU A 112 14.22 19.15 40.06
CA GLU A 112 12.96 19.67 40.60
CA GLU A 112 12.97 19.69 40.62
C GLU A 112 12.56 21.03 40.03
N ASN A 113 13.56 21.89 39.81
CA ASN A 113 13.32 23.19 39.17
C ASN A 113 12.83 23.03 37.74
N GLU A 114 13.57 22.23 36.93
CA GLU A 114 13.18 21.97 35.53
C GLU A 114 11.79 21.35 35.46
N LEU A 115 11.47 20.47 36.41
CA LEU A 115 10.16 19.82 36.50
C LEU A 115 9.03 20.76 36.88
N LYS A 116 9.29 21.67 37.83
CA LYS A 116 8.33 22.74 38.18
C LYS A 116 8.10 23.70 37.00
N ARG A 117 9.12 23.89 36.17
CA ARG A 117 8.99 24.77 35.01
CA ARG A 117 9.03 24.76 34.99
C ARG A 117 8.04 24.17 33.97
N LEU A 118 8.19 22.87 33.71
CA LEU A 118 7.33 22.12 32.80
C LEU A 118 5.93 22.13 33.34
N ASP A 119 5.83 21.99 34.66
CA ASP A 119 4.54 21.96 35.32
C ASP A 119 3.61 23.11 34.91
N GLU A 120 4.18 24.24 34.48
CA GLU A 120 3.38 25.42 34.20
C GLU A 120 2.88 25.39 32.76
N TYR A 121 3.39 24.43 32.01
CA TYR A 121 3.00 24.24 30.60
C TYR A 121 1.98 23.10 30.44
N ALA A 122 1.97 22.18 31.41
CA ALA A 122 1.13 20.97 31.41
C ALA A 122 -0.37 21.27 31.45
N ASN A 123 -1.13 20.56 30.64
CA ASN A 123 -2.60 20.63 30.68
C ASN A 123 -3.10 19.89 31.94
N LYS A 124 -3.70 20.64 32.87
CA LYS A 124 -4.06 20.16 34.20
C LYS A 124 -5.39 19.40 34.25
N ASP A 125 -6.30 19.75 33.34
CA ASP A 125 -7.51 18.95 33.13
C ASP A 125 -7.14 17.50 32.73
N ALA A 126 -6.19 17.39 31.79
CA ALA A 126 -5.69 16.09 31.31
C ALA A 126 -5.03 15.27 32.41
N LEU A 127 -4.17 15.91 33.19
CA LEU A 127 -3.48 15.23 34.30
C LEU A 127 -4.45 14.74 35.38
N ASN A 128 -5.42 15.59 35.73
CA ASN A 128 -6.43 15.24 36.72
CA ASN A 128 -6.46 15.24 36.71
C ASN A 128 -7.33 14.08 36.24
N HIS A 129 -7.69 14.09 34.97
CA HIS A 129 -8.46 13.00 34.39
C HIS A 129 -7.71 11.65 34.40
N TYR A 130 -6.46 11.64 33.96
CA TYR A 130 -5.59 10.48 34.12
C TYR A 130 -5.45 10.00 35.56
N ARG A 131 -5.26 10.95 36.49
CA ARG A 131 -5.22 10.56 37.90
C ARG A 131 -6.54 9.86 38.27
N GLU A 132 -7.66 10.42 37.82
CA GLU A 132 -8.97 9.82 38.06
C GLU A 132 -9.07 8.40 37.48
N ILE A 133 -8.59 8.24 36.23
CA ILE A 133 -8.59 6.94 35.56
C ILE A 133 -7.76 5.92 36.33
N PHE A 134 -6.52 6.30 36.63
CA PHE A 134 -5.57 5.39 37.26
C PHE A 134 -5.93 5.08 38.70
N LYS A 135 -6.71 5.94 39.31
CA LYS A 135 -7.15 5.72 40.68
C LYS A 135 -8.24 4.64 40.72
N ASP A 136 -9.20 4.76 39.81
CA ASP A 136 -10.23 3.76 39.63
C ASP A 136 -9.61 2.41 39.22
N LEU A 137 -8.62 2.46 38.34
CA LEU A 137 -7.89 1.27 37.93
C LEU A 137 -7.38 0.56 39.17
N LYS A 138 -6.56 1.27 39.95
CA LYS A 138 -5.96 0.77 41.18
C LYS A 138 -6.95 0.27 42.22
N SER A 139 -8.11 0.90 42.29
CA SER A 139 -9.13 0.51 43.25
C SER A 139 -9.78 -0.84 42.90
N ARG A 140 -9.54 -1.32 41.67
CA ARG A 140 -10.09 -2.59 41.20
CA ARG A 140 -10.10 -2.58 41.23
C ARG A 140 -9.12 -3.74 41.42
N GLY A 141 -8.01 -3.47 42.11
CA GLY A 141 -7.01 -4.48 42.43
C GLY A 141 -6.01 -4.75 41.31
N LEU A 142 -5.93 -3.80 40.37
CA LEU A 142 -5.05 -3.94 39.23
C LEU A 142 -3.65 -3.36 39.46
N TYR A 143 -2.64 -4.22 39.42
CA TYR A 143 -1.24 -3.85 39.27
C TYR A 143 -1.11 -3.04 37.95
N PHE A 144 -0.32 -1.98 37.99
CA PHE A 144 -0.35 -0.94 36.97
C PHE A 144 1.01 -0.76 36.28
N ILE A 145 1.09 -1.13 35.00
CA ILE A 145 2.26 -0.79 34.20
C ILE A 145 1.96 0.45 33.36
N LEU A 146 2.67 1.54 33.66
CA LEU A 146 2.48 2.78 32.91
C LEU A 146 3.55 2.91 31.84
N ASN A 147 3.06 3.03 30.62
CA ASN A 147 3.86 3.25 29.42
C ASN A 147 3.79 4.75 29.08
N MET A 148 4.94 5.32 28.71
CA MET A 148 5.02 6.73 28.32
C MET A 148 4.57 6.98 26.89
N TYR A 149 4.88 6.02 26.02
CA TYR A 149 4.75 6.23 24.57
C TYR A 149 4.15 5.04 23.80
N HIS A 150 3.07 5.27 23.06
CA HIS A 150 2.49 4.23 22.19
C HIS A 150 2.11 4.83 20.84
N TRP A 151 3.09 5.50 20.23
CA TRP A 151 3.09 5.90 18.81
C TRP A 151 2.78 7.39 18.48
N PRO A 152 1.60 7.92 18.87
CA PRO A 152 1.38 9.31 18.47
C PRO A 152 2.31 10.30 19.18
N LEU A 153 2.78 11.30 18.44
CA LEU A 153 3.62 12.41 18.99
C LEU A 153 2.82 13.72 19.01
N PRO A 154 3.11 14.63 19.97
CA PRO A 154 2.48 15.96 19.83
C PRO A 154 2.76 16.55 18.44
N LEU A 155 1.75 17.17 17.84
CA LEU A 155 1.89 17.78 16.53
C LEU A 155 2.97 18.84 16.54
N TRP A 156 3.14 19.50 17.68
CA TRP A 156 4.21 20.52 17.81
C TRP A 156 5.59 19.89 17.68
N LEU A 157 5.67 18.58 17.89
CA LEU A 157 6.93 17.84 17.69
C LEU A 157 7.01 17.10 16.36
N HIS A 158 5.87 16.89 15.69
CA HIS A 158 5.88 16.17 14.42
C HIS A 158 4.69 16.52 13.52
N ASP A 159 4.98 17.19 12.40
CA ASP A 159 3.98 17.39 11.38
C ASP A 159 4.23 16.35 10.33
N PRO A 160 3.39 15.29 10.28
CA PRO A 160 3.73 14.14 9.44
C PRO A 160 3.49 14.37 7.96
N ILE A 161 2.50 15.20 7.61
CA ILE A 161 2.20 15.51 6.19
C ILE A 161 3.33 16.27 5.48
N ARG A 162 3.88 17.25 6.18
CA ARG A 162 5.07 17.98 5.73
C ARG A 162 6.22 17.02 5.37
N VAL A 163 6.55 16.09 6.27
CA VAL A 163 7.61 15.10 6.05
C VAL A 163 7.27 14.12 4.90
N ARG A 164 6.04 13.60 4.89
CA ARG A 164 5.52 12.78 3.80
C ARG A 164 5.84 13.46 2.45
N ARG A 165 5.59 14.76 2.42
CA ARG A 165 5.83 15.61 1.23
C ARG A 165 7.30 15.84 0.86
N GLY A 166 8.21 15.49 1.75
CA GLY A 166 9.64 15.62 1.49
C GLY A 166 10.28 16.89 2.02
N ASP A 167 9.50 17.67 2.77
CA ASP A 167 9.92 18.88 3.46
C ASP A 167 10.44 18.54 4.87
N PHE A 168 11.75 18.71 5.10
CA PHE A 168 12.33 18.45 6.45
C PHE A 168 12.67 19.69 7.30
N THR A 169 12.01 20.82 6.99
CA THR A 169 12.28 22.09 7.66
C THR A 169 11.42 22.25 8.90
N GLY A 170 10.40 21.39 9.05
CA GLY A 170 9.45 21.49 10.17
C GLY A 170 9.70 20.55 11.33
N PRO A 171 8.71 20.41 12.24
CA PRO A 171 8.86 19.41 13.31
C PRO A 171 8.87 17.99 12.70
N SER A 172 9.98 17.27 12.90
CA SER A 172 10.29 16.05 12.15
CA SER A 172 10.30 16.05 12.16
C SER A 172 10.26 14.75 12.98
N GLY A 173 9.61 14.79 14.14
CA GLY A 173 9.41 13.59 14.95
C GLY A 173 10.72 12.95 15.38
N TRP A 174 10.78 11.62 15.26
CA TRP A 174 11.98 10.88 15.68
C TRP A 174 13.25 11.14 14.89
N LEU A 175 13.16 11.97 13.88
CA LEU A 175 14.32 12.37 13.11
C LEU A 175 15.11 13.51 13.79
N SER A 176 14.50 14.14 14.81
CA SER A 176 15.06 15.29 15.50
C SER A 176 15.44 14.93 16.93
N THR A 177 16.66 15.30 17.34
CA THR A 177 17.14 15.12 18.72
C THR A 177 16.33 15.96 19.72
N ARG A 178 15.60 16.97 19.22
CA ARG A 178 14.68 17.76 20.06
C ARG A 178 13.61 16.86 20.68
N THR A 179 13.08 15.96 19.86
CA THR A 179 12.11 14.96 20.28
C THR A 179 12.71 14.04 21.33
N VAL A 180 13.93 13.56 21.09
CA VAL A 180 14.68 12.77 22.07
C VAL A 180 14.75 13.52 23.40
N TYR A 181 15.14 14.80 23.33
CA TYR A 181 15.32 15.64 24.50
C TYR A 181 14.01 15.88 25.27
N GLU A 182 12.96 16.30 24.56
CA GLU A 182 11.66 16.50 25.17
C GLU A 182 11.05 15.20 25.72
N PHE A 183 11.33 14.06 25.07
CA PHE A 183 10.82 12.76 25.53
C PHE A 183 11.37 12.34 26.89
N ALA A 184 12.67 12.51 27.10
CA ALA A 184 13.29 12.27 28.43
C ALA A 184 12.63 13.11 29.52
N ARG A 185 12.32 14.36 29.19
CA ARG A 185 11.70 15.27 30.15
C ARG A 185 10.22 14.94 30.39
N PHE A 186 9.49 14.55 29.33
CA PHE A 186 8.10 14.12 29.47
C PHE A 186 7.97 12.88 30.39
N SER A 187 8.84 11.89 30.19
CA SER A 187 8.88 10.66 31.01
C SER A 187 9.12 10.92 32.48
N ALA A 188 10.18 11.70 32.78
CA ALA A 188 10.53 12.09 34.13
C ALA A 188 9.39 12.85 34.77
N TYR A 189 8.76 13.73 33.98
CA TYR A 189 7.62 14.51 34.45
C TYR A 189 6.44 13.61 34.84
N ILE A 190 6.10 12.68 33.96
CA ILE A 190 4.98 11.78 34.22
C ILE A 190 5.24 10.92 35.44
N ALA A 191 6.42 10.34 35.53
CA ALA A 191 6.82 9.57 36.70
C ALA A 191 6.73 10.40 37.99
N TRP A 192 6.99 11.71 37.85
CA TRP A 192 7.01 12.65 38.97
C TRP A 192 5.57 12.93 39.40
N LYS A 193 4.65 13.05 38.44
CA LYS A 193 3.24 13.21 38.78
C LYS A 193 2.52 11.93 39.20
N PHE A 194 2.94 10.77 38.71
CA PHE A 194 2.13 9.55 38.89
C PHE A 194 2.80 8.39 39.62
N ASP A 195 4.05 8.56 40.06
CA ASP A 195 4.76 7.45 40.76
C ASP A 195 3.98 6.78 41.90
N ASP A 196 3.17 7.55 42.62
CA ASP A 196 2.38 7.02 43.73
C ASP A 196 1.31 6.00 43.28
N LEU A 197 0.94 6.04 42.00
CA LEU A 197 -0.09 5.16 41.42
C LEU A 197 0.52 3.99 40.67
N VAL A 198 1.79 4.13 40.26
CA VAL A 198 2.43 3.22 39.31
C VAL A 198 3.24 2.13 40.01
N ASP A 199 3.29 0.96 39.37
CA ASP A 199 3.97 -0.21 39.89
C ASP A 199 5.27 -0.48 39.14
N GLU A 200 5.19 -0.51 37.80
CA GLU A 200 6.36 -0.55 36.92
C GLU A 200 6.14 0.40 35.75
N TYR A 201 7.24 0.78 35.09
CA TYR A 201 7.23 1.71 33.95
C TYR A 201 7.71 1.06 32.66
N SER A 202 7.10 1.47 31.56
CA SER A 202 7.66 1.24 30.24
C SER A 202 7.91 2.58 29.60
N THR A 203 9.02 2.69 28.88
CA THR A 203 9.31 3.93 28.19
C THR A 203 8.44 3.99 26.95
N MET A 204 8.50 2.94 26.14
CA MET A 204 7.91 2.95 24.79
C MET A 204 7.21 1.64 24.45
N ASN A 205 6.26 1.72 23.51
CA ASN A 205 5.65 0.54 22.88
C ASN A 205 6.13 0.39 21.46
N GLU A 206 6.82 -0.74 21.21
CA GLU A 206 7.30 -1.16 19.86
C GLU A 206 7.89 -0.02 19.06
N PRO A 207 9.03 0.54 19.53
CA PRO A 207 9.72 1.56 18.73
C PRO A 207 10.12 1.05 17.35
N ASN A 208 10.40 -0.26 17.22
CA ASN A 208 10.79 -0.84 15.93
C ASN A 208 9.73 -0.69 14.85
N VAL A 209 8.47 -0.70 15.25
CA VAL A 209 7.36 -0.60 14.32
C VAL A 209 7.20 0.85 13.88
N VAL A 210 7.34 1.75 14.85
CA VAL A 210 7.32 3.19 14.57
C VAL A 210 8.35 3.58 13.49
N GLY A 211 9.59 3.16 13.67
CA GLY A 211 10.65 3.45 12.70
C GLY A 211 10.64 2.60 11.43
N GLY A 212 10.21 1.34 11.56
CA GLY A 212 10.13 0.42 10.42
C GLY A 212 8.96 0.73 9.51
N LEU A 213 7.77 0.92 10.06
CA LEU A 213 6.62 1.23 9.21
C LEU A 213 6.54 2.69 8.79
N GLY A 214 6.98 3.59 9.65
CA GLY A 214 7.09 5.02 9.31
C GLY A 214 7.98 5.37 8.12
N TYR A 215 9.09 4.66 7.96
CA TYR A 215 10.08 5.02 6.94
C TYR A 215 10.46 3.93 5.91
N VAL A 216 9.96 2.70 6.09
CA VAL A 216 10.21 1.61 5.09
C VAL A 216 8.91 0.95 4.58
N GLY A 217 8.14 0.39 5.51
CA GLY A 217 6.90 -0.33 5.17
C GLY A 217 5.80 0.65 4.92
N VAL A 218 5.95 1.47 3.86
CA VAL A 218 5.09 2.65 3.67
C VAL A 218 3.64 2.39 3.18
N LYS A 219 3.38 1.17 2.73
CA LYS A 219 2.02 0.82 2.37
C LYS A 219 1.16 0.59 3.60
N SER A 220 1.80 0.49 4.76
CA SER A 220 1.03 0.32 5.96
CA SER A 220 1.13 0.38 6.06
C SER A 220 0.27 1.58 6.42
N GLY A 221 0.59 2.74 5.81
CA GLY A 221 -0.05 4.01 6.16
C GLY A 221 0.29 4.50 7.56
N PHE A 222 1.54 4.31 7.99
CA PHE A 222 2.04 4.83 9.27
C PHE A 222 2.79 6.17 9.06
N PRO A 223 2.59 7.16 9.97
CA PRO A 223 3.27 8.44 9.74
C PRO A 223 4.76 8.33 9.98
N PRO A 224 5.57 9.12 9.22
CA PRO A 224 5.12 10.03 8.14
C PRO A 224 5.08 9.41 6.72
N GLY A 225 5.35 8.12 6.60
CA GLY A 225 5.24 7.47 5.30
C GLY A 225 6.22 8.03 4.29
N TYR A 226 7.41 8.34 4.79
CA TYR A 226 8.53 8.78 3.96
C TYR A 226 9.50 7.65 3.72
N LEU A 227 9.57 7.15 2.48
CA LEU A 227 10.36 5.96 2.20
C LEU A 227 11.87 6.25 2.14
N SER A 228 12.59 5.78 3.16
CA SER A 228 14.03 6.01 3.27
C SER A 228 14.70 5.05 4.27
N PHE A 229 15.57 4.18 3.76
CA PHE A 229 16.42 3.33 4.63
C PHE A 229 17.24 4.16 5.64
N GLU A 230 17.87 5.22 5.13
CA GLU A 230 18.77 6.09 5.92
C GLU A 230 18.05 6.74 7.08
N LEU A 231 16.90 7.35 6.78
CA LEU A 231 16.06 8.00 7.78
C LEU A 231 15.41 7.05 8.78
N SER A 232 15.12 5.80 8.35
CA SER A 232 14.63 4.79 9.28
CA SER A 232 14.62 4.79 9.28
C SER A 232 15.68 4.47 10.35
N ARG A 233 16.94 4.36 9.92
CA ARG A 233 18.09 4.18 10.83
CA ARG A 233 18.10 4.19 10.81
C ARG A 233 18.25 5.37 11.76
N ARG A 234 18.08 6.59 11.22
CA ARG A 234 18.18 7.82 12.03
C ARG A 234 17.10 7.81 13.10
N ALA A 235 15.85 7.54 12.69
CA ALA A 235 14.73 7.46 13.64
C ALA A 235 15.00 6.43 14.73
N MET A 236 15.60 5.31 14.36
CA MET A 236 15.85 4.22 15.31
C MET A 236 16.99 4.53 16.28
N TYR A 237 18.03 5.19 15.79
CA TYR A 237 19.13 5.67 16.63
C TYR A 237 18.63 6.66 17.66
N ASN A 238 17.80 7.61 17.23
CA ASN A 238 17.20 8.59 18.12
C ASN A 238 16.27 7.97 19.18
N ILE A 239 15.43 7.02 18.76
CA ILE A 239 14.51 6.32 19.67
C ILE A 239 15.25 5.50 20.75
N ILE A 240 16.37 4.87 20.37
CA ILE A 240 17.28 4.19 21.32
C ILE A 240 17.79 5.13 22.44
N GLN A 241 18.39 6.27 22.06
CA GLN A 241 18.84 7.24 23.07
C GLN A 241 17.68 7.91 23.79
N ALA A 242 16.54 8.07 23.11
CA ALA A 242 15.35 8.55 23.80
C ALA A 242 14.95 7.53 24.88
N HIS A 243 15.12 6.25 24.61
CA HIS A 243 14.78 5.28 25.64
C HIS A 243 15.69 5.52 26.83
N ALA A 244 17.01 5.39 26.62
CA ALA A 244 18.04 5.56 27.67
C ALA A 244 17.88 6.86 28.46
N ARG A 245 17.63 7.97 27.78
CA ARG A 245 17.40 9.24 28.46
C ARG A 245 16.10 9.27 29.30
N ALA A 246 15.01 8.69 28.76
CA ALA A 246 13.77 8.50 29.53
C ALA A 246 13.97 7.61 30.76
N TYR A 247 14.77 6.55 30.60
CA TYR A 247 15.12 5.68 31.70
C TYR A 247 15.78 6.47 32.83
N ASP A 248 16.85 7.20 32.49
CA ASP A 248 17.60 8.01 33.46
C ASP A 248 16.70 9.07 34.09
N GLY A 249 15.90 9.74 33.26
CA GLY A 249 14.87 10.69 33.71
C GLY A 249 13.89 10.17 34.75
N ILE A 250 13.36 8.97 34.54
CA ILE A 250 12.42 8.35 35.47
C ILE A 250 13.14 7.91 36.72
N LYS A 251 14.32 7.31 36.55
CA LYS A 251 15.10 6.79 37.67
C LYS A 251 15.56 7.90 38.63
N SER A 252 15.52 9.15 38.17
CA SER A 252 15.84 10.27 39.05
C SER A 252 14.67 10.68 39.96
N VAL A 253 13.48 10.12 39.71
CA VAL A 253 12.29 10.42 40.52
CA VAL A 253 12.30 10.42 40.52
C VAL A 253 11.68 9.12 41.03
N SER A 254 12.18 7.99 40.56
CA SER A 254 11.61 6.70 40.97
C SER A 254 12.64 5.61 41.16
N LYS A 255 12.38 4.73 42.11
CA LYS A 255 13.19 3.54 42.33
C LYS A 255 12.49 2.34 41.68
N LYS A 256 11.28 2.58 41.17
CA LYS A 256 10.44 1.56 40.51
C LYS A 256 11.00 1.06 39.16
N PRO A 257 10.73 -0.22 38.78
CA PRO A 257 11.32 -0.79 37.55
C PRO A 257 10.94 -0.07 36.25
N VAL A 258 11.92 0.07 35.35
CA VAL A 258 11.75 0.73 34.05
C VAL A 258 12.16 -0.27 32.95
N GLY A 259 11.20 -0.55 32.08
CA GLY A 259 11.42 -1.49 30.99
C GLY A 259 11.03 -0.87 29.67
N ILE A 260 10.88 -1.74 28.67
CA ILE A 260 10.46 -1.30 27.33
C ILE A 260 9.63 -2.41 26.66
N ILE A 261 8.65 -2.00 25.86
CA ILE A 261 7.80 -2.93 25.12
C ILE A 261 8.15 -2.96 23.62
N TYR A 262 8.35 -4.16 23.09
CA TYR A 262 8.92 -4.35 21.74
C TYR A 262 8.18 -5.42 20.91
N ALA A 263 8.17 -5.22 19.59
CA ALA A 263 7.44 -6.07 18.65
C ALA A 263 8.29 -7.25 18.29
N ASN A 264 7.75 -8.43 18.47
CA ASN A 264 8.52 -9.64 18.20
C ASN A 264 7.79 -10.57 17.26
N SER A 265 8.56 -11.22 16.40
CA SER A 265 8.01 -12.38 15.71
CA SER A 265 8.08 -12.36 15.61
C SER A 265 8.97 -13.53 15.97
N SER A 266 8.44 -14.74 15.94
CA SER A 266 9.30 -15.90 16.08
C SER A 266 9.84 -16.24 14.72
N PHE A 267 11.15 -16.08 14.53
CA PHE A 267 11.79 -16.41 13.27
C PHE A 267 12.02 -17.92 13.18
N GLN A 268 11.58 -18.47 12.04
CA GLN A 268 11.50 -19.88 11.81
C GLN A 268 12.10 -20.18 10.44
N PRO A 269 12.84 -21.30 10.34
CA PRO A 269 13.46 -21.63 9.07
C PRO A 269 12.47 -22.27 8.08
N LEU A 270 12.53 -21.87 6.81
CA LEU A 270 11.74 -22.50 5.75
C LEU A 270 12.09 -23.98 5.58
N THR A 271 13.40 -24.28 5.54
CA THR A 271 13.93 -25.65 5.50
C THR A 271 14.98 -25.75 6.61
N ASP A 272 15.44 -26.97 6.91
CA ASP A 272 16.50 -27.17 7.90
C ASP A 272 17.87 -26.59 7.49
N LYS A 273 17.96 -26.09 6.26
CA LYS A 273 19.16 -25.40 5.77
C LYS A 273 19.11 -23.86 5.96
N ASP A 274 18.22 -23.40 6.84
CA ASP A 274 17.90 -21.97 6.95
C ASP A 274 18.05 -21.39 8.35
N MET A 275 18.84 -22.09 9.17
CA MET A 275 18.97 -21.74 10.58
C MET A 275 19.91 -20.57 10.88
N GLU A 276 20.95 -20.40 10.06
CA GLU A 276 21.77 -19.20 10.10
C GLU A 276 20.91 -17.99 9.72
N ALA A 277 20.10 -18.13 8.67
CA ALA A 277 19.09 -17.12 8.31
C ALA A 277 18.20 -16.71 9.48
N VAL A 278 17.78 -17.69 10.30
CA VAL A 278 17.01 -17.40 11.51
C VAL A 278 17.78 -16.51 12.51
N GLU A 279 19.07 -16.82 12.69
CA GLU A 279 19.94 -16.07 13.59
C GLU A 279 20.21 -14.66 13.09
N MET A 280 20.53 -14.53 11.80
CA MET A 280 20.66 -13.23 11.14
C MET A 280 19.41 -12.35 11.26
N ALA A 281 18.24 -12.96 11.04
CA ALA A 281 16.96 -12.27 11.24
C ALA A 281 16.76 -11.82 12.71
N GLU A 282 17.20 -12.64 13.66
CA GLU A 282 17.10 -12.29 15.08
C GLU A 282 18.08 -11.14 15.45
N ASN A 283 19.32 -11.21 14.94
CA ASN A 283 20.28 -10.09 15.07
C ASN A 283 19.69 -8.79 14.53
N ASP A 284 19.22 -8.84 13.30
CA ASP A 284 18.72 -7.65 12.63
C ASP A 284 17.42 -7.11 13.25
N ASN A 285 16.57 -7.96 13.80
CA ASN A 285 15.28 -7.49 14.31
C ASN A 285 15.14 -7.34 15.83
N ARG A 286 16.09 -7.89 16.59
CA ARG A 286 15.94 -8.02 18.04
C ARG A 286 17.18 -7.66 18.84
N TRP A 287 18.24 -8.42 18.63
CA TRP A 287 19.46 -8.33 19.42
C TRP A 287 20.19 -7.01 19.24
N TRP A 288 20.34 -6.53 18.02
CA TRP A 288 20.98 -5.23 17.77
C TRP A 288 20.40 -4.16 18.69
N PHE A 289 19.07 -4.18 18.87
CA PHE A 289 18.37 -3.14 19.65
C PHE A 289 18.64 -3.32 21.14
N PHE A 290 18.51 -4.56 21.59
CA PHE A 290 18.58 -4.83 23.01
C PHE A 290 20.02 -4.80 23.51
N ASP A 291 20.95 -5.23 22.66
CA ASP A 291 22.38 -5.14 22.95
C ASP A 291 22.82 -3.69 23.13
N ALA A 292 22.16 -2.76 22.45
CA ALA A 292 22.36 -1.30 22.65
C ALA A 292 21.89 -0.83 24.01
N ILE A 293 20.62 -1.04 24.34
CA ILE A 293 20.05 -0.52 25.58
C ILE A 293 20.41 -1.33 26.85
N ILE A 294 20.95 -2.53 26.67
CA ILE A 294 21.36 -3.37 27.80
C ILE A 294 22.88 -3.36 27.93
N ARG A 295 23.57 -3.64 26.83
CA ARG A 295 25.01 -3.83 26.85
C ARG A 295 25.78 -2.60 26.39
N GLY A 296 25.02 -1.55 26.00
CA GLY A 296 25.60 -0.34 25.39
C GLY A 296 26.22 -0.53 24.01
N GLU A 297 26.08 -1.71 23.41
CA GLU A 297 26.71 -2.02 22.13
C GLU A 297 25.88 -1.54 20.94
N ILE A 298 26.41 -0.55 20.24
CA ILE A 298 25.76 0.03 19.07
C ILE A 298 26.79 0.21 17.95
N THR A 299 26.34 0.10 16.70
CA THR A 299 27.17 0.38 15.53
C THR A 299 26.82 1.78 15.03
N ARG A 300 27.69 2.74 15.34
CA ARG A 300 27.50 4.11 14.85
C ARG A 300 28.61 4.43 13.85
N GLY A 301 28.22 5.10 12.76
CA GLY A 301 29.04 5.12 11.57
C GLY A 301 29.20 3.67 11.11
N ASN A 302 30.44 3.27 10.84
CA ASN A 302 30.73 1.91 10.42
C ASN A 302 31.51 1.17 11.51
N GLU A 303 31.37 1.65 12.75
CA GLU A 303 32.20 1.18 13.86
C GLU A 303 31.39 0.66 15.06
N LYS A 304 31.82 -0.48 15.61
CA LYS A 304 31.22 -1.06 16.83
C LYS A 304 31.79 -0.44 18.09
N ILE A 305 30.96 0.29 18.82
CA ILE A 305 31.37 0.90 20.08
C ILE A 305 30.52 0.47 21.27
N VAL A 306 30.96 0.88 22.46
CA VAL A 306 30.15 0.77 23.67
C VAL A 306 29.87 2.20 24.15
N ARG A 307 28.59 2.54 24.26
CA ARG A 307 28.22 3.83 24.82
C ARG A 307 27.82 3.66 26.27
N ASP A 308 28.54 4.35 27.16
CA ASP A 308 28.36 4.20 28.60
C ASP A 308 27.04 4.79 29.05
N ASP A 309 26.52 5.76 28.28
CA ASP A 309 25.23 6.38 28.57
C ASP A 309 24.03 5.52 28.10
N LEU A 310 24.34 4.43 27.38
CA LEU A 310 23.33 3.50 26.85
C LEU A 310 23.25 2.21 27.66
N LYS A 311 24.42 1.73 28.07
CA LYS A 311 24.58 0.53 28.87
C LYS A 311 23.73 0.50 30.15
N GLY A 312 23.12 -0.67 30.40
CA GLY A 312 22.36 -0.93 31.63
C GLY A 312 21.04 -0.21 31.79
N ARG A 313 20.54 0.38 30.71
CA ARG A 313 19.27 1.12 30.74
C ARG A 313 18.01 0.26 30.49
N LEU A 314 17.80 -0.75 31.33
CA LEU A 314 16.63 -1.65 31.24
C LEU A 314 16.59 -2.62 32.43
N ASP A 315 15.43 -2.69 33.08
CA ASP A 315 15.19 -3.62 34.19
C ASP A 315 14.34 -4.82 33.77
N TRP A 316 13.41 -4.59 32.82
CA TRP A 316 12.59 -5.67 32.28
C TRP A 316 12.23 -5.56 30.78
N ILE A 317 11.77 -6.68 30.20
CA ILE A 317 11.51 -6.76 28.77
C ILE A 317 10.04 -7.03 28.53
N GLY A 318 9.39 -6.11 27.81
CA GLY A 318 8.00 -6.27 27.38
C GLY A 318 7.96 -7.06 26.09
N VAL A 319 7.42 -8.28 26.16
CA VAL A 319 7.31 -9.15 25.00
C VAL A 319 5.92 -9.07 24.33
N ASN A 320 5.88 -8.44 23.17
CA ASN A 320 4.71 -8.41 22.35
C ASN A 320 4.82 -9.56 21.34
N TYR A 321 3.76 -10.32 21.15
CA TYR A 321 3.88 -11.48 20.24
C TYR A 321 2.54 -11.83 19.65
N TYR A 322 2.49 -11.96 18.33
CA TYR A 322 1.27 -12.32 17.63
C TYR A 322 1.48 -13.55 16.73
N THR A 323 2.63 -13.68 16.09
CA THR A 323 2.82 -14.74 15.08
C THR A 323 4.29 -14.94 14.73
N ARG A 324 4.58 -15.85 13.81
CA ARG A 324 5.96 -16.06 13.35
C ARG A 324 6.31 -15.31 12.07
N THR A 325 7.59 -15.34 11.71
CA THR A 325 8.04 -14.98 10.36
C THR A 325 8.88 -16.15 9.88
N VAL A 326 8.58 -16.68 8.70
CA VAL A 326 9.41 -17.73 8.10
C VAL A 326 10.48 -17.04 7.25
N VAL A 327 11.73 -17.46 7.44
CA VAL A 327 12.86 -16.91 6.67
C VAL A 327 13.70 -18.01 5.96
N LYS A 328 14.24 -17.67 4.80
CA LYS A 328 15.21 -18.54 4.14
C LYS A 328 16.56 -17.83 3.88
N ARG A 329 17.60 -18.63 3.65
CA ARG A 329 18.91 -18.12 3.28
C ARG A 329 18.98 -17.58 1.85
N THR A 330 19.70 -16.48 1.68
CA THR A 330 19.97 -15.85 0.39
C THR A 330 21.49 -15.78 0.32
N GLU A 331 22.05 -15.71 -0.89
CA GLU A 331 23.50 -15.54 -1.06
C GLU A 331 23.92 -14.22 -0.44
N LYS A 332 23.12 -13.18 -0.71
CA LYS A 332 23.32 -11.84 -0.16
C LYS A 332 22.92 -11.73 1.31
N GLY A 333 22.19 -12.71 1.84
CA GLY A 333 21.72 -12.69 3.24
C GLY A 333 20.52 -13.59 3.54
N TYR A 334 19.36 -12.97 3.81
CA TYR A 334 18.14 -13.70 4.17
C TYR A 334 16.88 -12.95 3.75
N VAL A 335 15.80 -13.69 3.48
CA VAL A 335 14.49 -13.08 3.22
C VAL A 335 13.36 -13.73 3.98
N SER A 336 12.41 -12.89 4.40
CA SER A 336 11.16 -13.36 4.96
CA SER A 336 11.14 -13.34 4.96
C SER A 336 10.27 -13.87 3.83
N LEU A 337 9.41 -14.85 4.13
CA LEU A 337 8.52 -15.43 3.13
C LEU A 337 7.04 -15.04 3.32
N GLY A 338 6.41 -14.58 2.24
CA GLY A 338 4.96 -14.36 2.24
C GLY A 338 4.21 -15.69 2.30
N GLY A 339 2.97 -15.67 2.81
CA GLY A 339 2.17 -16.87 2.92
C GLY A 339 2.31 -17.51 4.29
N TYR A 340 3.14 -16.89 5.13
CA TYR A 340 3.34 -17.29 6.50
C TYR A 340 3.27 -16.07 7.41
N GLY A 341 3.20 -16.34 8.72
CA GLY A 341 3.17 -15.32 9.77
C GLY A 341 2.20 -14.20 9.50
N HIS A 342 2.72 -12.96 9.42
CA HIS A 342 1.86 -11.79 9.19
C HIS A 342 1.55 -11.53 7.73
N GLY A 343 2.20 -12.27 6.82
CA GLY A 343 1.94 -12.08 5.40
C GLY A 343 1.03 -13.11 4.75
N CYS A 344 -0.12 -13.38 5.36
CA CYS A 344 -1.09 -14.32 4.80
C CYS A 344 -2.35 -13.64 4.35
N GLU A 345 -3.19 -14.41 3.67
CA GLU A 345 -4.49 -13.94 3.31
C GLU A 345 -5.39 -13.94 4.54
N ARG A 346 -6.28 -12.96 4.59
CA ARG A 346 -7.24 -12.82 5.67
C ARG A 346 -8.27 -13.94 5.65
N ASN A 347 -8.60 -14.47 6.82
CA ASN A 347 -9.68 -15.46 6.96
C ASN A 347 -9.48 -16.59 5.97
N SER A 348 -8.37 -17.28 6.10
CA SER A 348 -7.96 -18.29 5.19
C SER A 348 -7.00 -19.21 5.94
N VAL A 349 -5.99 -19.69 5.23
CA VAL A 349 -5.08 -20.71 5.73
C VAL A 349 -3.67 -20.33 5.26
N SER A 350 -2.66 -20.50 6.10
CA SER A 350 -1.29 -20.22 5.64
C SER A 350 -0.79 -21.26 4.61
N LEU A 351 0.40 -21.05 4.08
CA LEU A 351 1.09 -22.08 3.26
C LEU A 351 1.36 -23.40 4.04
N ALA A 352 1.34 -23.32 5.37
CA ALA A 352 1.50 -24.47 6.24
C ALA A 352 0.15 -25.08 6.66
N GLY A 353 -0.95 -24.53 6.18
CA GLY A 353 -2.28 -25.10 6.48
C GLY A 353 -2.83 -24.66 7.81
N LEU A 354 -2.18 -23.66 8.40
CA LEU A 354 -2.58 -23.09 9.70
C LEU A 354 -3.55 -21.91 9.50
N PRO A 355 -4.60 -21.78 10.34
CA PRO A 355 -5.55 -20.70 10.06
C PRO A 355 -5.03 -19.27 10.30
N THR A 356 -5.56 -18.34 9.52
CA THR A 356 -5.16 -16.95 9.61
C THR A 356 -6.34 -16.12 10.16
N SER A 357 -6.02 -14.98 10.77
CA SER A 357 -6.98 -14.15 11.48
C SER A 357 -7.73 -13.21 10.53
N ASP A 358 -8.60 -12.34 11.08
CA ASP A 358 -9.24 -11.30 10.25
C ASP A 358 -8.22 -10.37 9.59
N PHE A 359 -7.00 -10.36 10.15
CA PHE A 359 -5.89 -9.55 9.70
C PHE A 359 -4.89 -10.33 8.79
N GLY A 360 -5.14 -11.63 8.57
CA GLY A 360 -4.21 -12.47 7.80
C GLY A 360 -2.98 -12.88 8.58
N TRP A 361 -3.09 -12.99 9.90
CA TRP A 361 -1.94 -13.45 10.69
C TRP A 361 -2.11 -14.92 11.09
N GLU A 362 -1.06 -15.70 10.84
CA GLU A 362 -1.04 -17.15 11.03
C GLU A 362 -0.99 -17.58 12.50
N PHE A 363 -1.82 -18.57 12.83
CA PHE A 363 -1.83 -19.21 14.15
C PHE A 363 -0.53 -19.94 14.43
N PHE A 364 0.25 -19.46 15.39
CA PHE A 364 1.53 -20.09 15.67
C PHE A 364 1.99 -19.89 17.13
N PRO A 365 1.28 -20.48 18.10
CA PRO A 365 1.64 -20.26 19.50
C PRO A 365 3.02 -20.73 19.94
N GLU A 366 3.58 -21.73 19.26
CA GLU A 366 4.97 -22.15 19.48
CA GLU A 366 4.72 -22.52 19.76
C GLU A 366 5.87 -20.93 19.60
N GLY A 367 5.83 -20.09 18.57
CA GLY A 367 6.66 -18.90 18.55
C GLY A 367 6.83 -18.10 19.83
N LEU A 368 5.83 -18.12 20.70
CA LEU A 368 5.91 -17.39 21.97
C LEU A 368 6.89 -18.00 23.01
N TYR A 369 6.94 -19.34 23.05
CA TYR A 369 7.92 -20.06 23.82
C TYR A 369 9.32 -19.78 23.30
N ASP A 370 9.47 -19.74 21.97
CA ASP A 370 10.75 -19.45 21.31
C ASP A 370 11.27 -18.05 21.71
N VAL A 371 10.39 -17.05 21.65
CA VAL A 371 10.75 -15.66 21.89
C VAL A 371 11.01 -15.45 23.38
N LEU A 372 10.14 -15.99 24.23
CA LEU A 372 10.35 -15.88 25.68
C LEU A 372 11.68 -16.51 26.14
N THR A 373 11.99 -17.72 25.67
CA THR A 373 13.20 -18.43 26.10
C THR A 373 14.47 -17.85 25.50
N LYS A 374 14.44 -17.44 24.23
CA LYS A 374 15.59 -16.78 23.62
C LYS A 374 16.00 -15.49 24.35
N TYR A 375 15.05 -14.63 24.73
CA TYR A 375 15.34 -13.44 25.50
C TYR A 375 15.96 -13.80 26.83
N TRP A 376 15.33 -14.74 27.52
CA TRP A 376 15.79 -15.15 28.84
C TRP A 376 17.23 -15.69 28.77
N ASN A 377 17.51 -16.62 27.87
CA ASN A 377 18.86 -17.16 27.74
C ASN A 377 19.93 -16.10 27.43
N ARG A 378 19.53 -15.00 26.83
CA ARG A 378 20.50 -14.00 26.36
C ARG A 378 20.76 -12.95 27.42
N TYR A 379 19.70 -12.47 28.06
CA TYR A 379 19.79 -11.34 28.96
C TYR A 379 19.47 -11.63 30.44
N HIS A 380 18.67 -12.66 30.71
CA HIS A 380 18.23 -13.00 32.08
C HIS A 380 17.50 -11.86 32.79
N LEU A 381 16.77 -11.07 32.01
CA LEU A 381 15.89 -10.05 32.55
C LEU A 381 14.46 -10.57 32.58
N TYR A 382 13.73 -10.34 33.66
CA TYR A 382 12.35 -10.83 33.71
C TYR A 382 11.50 -10.13 32.62
N MET A 383 10.35 -10.75 32.30
CA MET A 383 9.54 -10.34 31.18
C MET A 383 8.08 -10.37 31.57
N TYR A 384 7.32 -9.55 30.88
CA TYR A 384 5.88 -9.68 30.83
C TYR A 384 5.53 -9.95 29.38
N VAL A 385 4.48 -10.73 29.15
CA VAL A 385 3.88 -10.79 27.82
C VAL A 385 2.93 -9.59 27.78
N THR A 386 3.42 -8.50 27.17
CA THR A 386 2.72 -7.22 27.22
C THR A 386 1.62 -7.14 26.16
N GLU A 387 1.73 -7.98 25.13
CA GLU A 387 0.69 -8.06 24.08
C GLU A 387 0.63 -9.43 23.44
N ASN A 388 -0.60 -9.91 23.25
CA ASN A 388 -0.88 -11.15 22.54
C ASN A 388 -2.36 -11.17 22.25
N GLY A 389 -2.74 -11.37 21.00
CA GLY A 389 -4.15 -11.40 20.67
C GLY A 389 -4.39 -11.62 19.20
N ILE A 390 -5.65 -11.46 18.78
CA ILE A 390 -6.05 -11.86 17.45
C ILE A 390 -7.20 -10.97 16.95
N ALA A 391 -7.13 -10.54 15.70
CA ALA A 391 -8.26 -9.89 15.06
C ALA A 391 -9.29 -10.97 14.68
N ASP A 392 -10.47 -10.89 15.30
CA ASP A 392 -11.47 -11.96 15.33
C ASP A 392 -12.77 -11.45 15.96
N ASP A 393 -13.57 -10.75 15.16
CA ASP A 393 -14.87 -10.22 15.58
C ASP A 393 -15.89 -11.32 15.91
N ALA A 394 -15.87 -12.41 15.12
CA ALA A 394 -16.82 -13.53 15.27
C ALA A 394 -16.59 -14.35 16.54
N ASP A 395 -15.35 -14.28 17.03
CA ASP A 395 -14.82 -15.07 18.16
C ASP A 395 -14.53 -16.56 17.82
N TYR A 396 -14.37 -16.88 16.54
CA TYR A 396 -14.15 -18.27 16.14
C TYR A 396 -12.84 -18.87 16.69
N GLN A 397 -11.73 -18.14 16.52
CA GLN A 397 -10.39 -18.62 16.82
C GLN A 397 -9.82 -18.16 18.16
N ARG A 398 -10.31 -17.03 18.68
CA ARG A 398 -9.77 -16.45 19.94
C ARG A 398 -9.72 -17.41 21.17
N PRO A 399 -10.79 -18.21 21.42
CA PRO A 399 -10.68 -19.23 22.52
C PRO A 399 -9.43 -20.14 22.43
N TYR A 400 -9.16 -20.71 21.27
CA TYR A 400 -7.99 -21.53 21.03
C TYR A 400 -6.72 -20.69 21.09
N TYR A 401 -6.78 -19.48 20.49
CA TYR A 401 -5.62 -18.60 20.44
C TYR A 401 -5.16 -18.25 21.87
N LEU A 402 -6.11 -17.76 22.67
CA LEU A 402 -5.89 -17.43 24.06
C LEU A 402 -5.30 -18.56 24.91
N VAL A 403 -5.95 -19.73 24.95
CA VAL A 403 -5.46 -20.85 25.77
C VAL A 403 -4.12 -21.39 25.27
N SER A 404 -3.98 -21.53 23.96
CA SER A 404 -2.71 -22.01 23.38
C SER A 404 -1.50 -21.13 23.75
N HIS A 405 -1.68 -19.81 23.77
CA HIS A 405 -0.53 -18.94 24.04
C HIS A 405 -0.25 -18.85 25.53
N VAL A 406 -1.31 -18.93 26.33
CA VAL A 406 -1.17 -18.94 27.76
C VAL A 406 -0.38 -20.21 28.15
N TYR A 407 -0.67 -21.31 27.47
CA TYR A 407 0.07 -22.55 27.65
C TYR A 407 1.57 -22.41 27.32
N GLN A 408 1.89 -21.65 26.29
CA GLN A 408 3.30 -21.46 25.92
C GLN A 408 4.03 -20.59 26.97
N VAL A 409 3.31 -19.66 27.59
CA VAL A 409 3.86 -18.91 28.73
C VAL A 409 4.19 -19.86 29.91
N HIS A 410 3.24 -20.74 30.26
CA HIS A 410 3.46 -21.81 31.25
C HIS A 410 4.66 -22.67 30.87
N ARG A 411 4.71 -23.10 29.60
CA ARG A 411 5.86 -23.83 29.06
C ARG A 411 7.16 -23.09 29.35
N ALA A 412 7.18 -21.79 29.06
CA ALA A 412 8.37 -20.98 29.19
C ALA A 412 8.84 -20.89 30.64
N ILE A 413 7.91 -20.60 31.55
CA ILE A 413 8.19 -20.57 32.99
C ILE A 413 8.74 -21.92 33.47
N ASN A 414 8.22 -23.00 32.89
CA ASN A 414 8.63 -24.36 33.21
C ASN A 414 10.09 -24.59 32.84
N SER A 415 10.53 -24.00 31.74
CA SER A 415 11.92 -24.07 31.26
C SER A 415 12.91 -23.19 32.05
N GLY A 416 12.42 -22.36 32.95
CA GLY A 416 13.30 -21.54 33.78
C GLY A 416 13.19 -20.04 33.61
N ALA A 417 12.60 -19.60 32.50
CA ALA A 417 12.40 -18.17 32.17
C ALA A 417 11.51 -17.48 33.17
N ASP A 418 11.93 -16.27 33.55
CA ASP A 418 11.18 -15.46 34.52
C ASP A 418 10.16 -14.56 33.79
N VAL A 419 8.92 -15.05 33.71
CA VAL A 419 7.80 -14.34 33.10
C VAL A 419 6.75 -14.15 34.18
N ARG A 420 6.28 -12.91 34.35
CA ARG A 420 5.55 -12.51 35.55
C ARG A 420 4.13 -12.10 35.26
N GLY A 421 3.79 -12.09 33.98
CA GLY A 421 2.41 -11.78 33.61
C GLY A 421 2.18 -12.06 32.15
N TYR A 422 0.90 -12.13 31.80
CA TYR A 422 0.44 -12.25 30.44
C TYR A 422 -0.69 -11.21 30.34
N LEU A 423 -0.57 -10.34 29.36
CA LEU A 423 -1.52 -9.27 29.17
C LEU A 423 -2.06 -9.38 27.73
N HIS A 424 -3.36 -9.61 27.62
CA HIS A 424 -3.99 -9.85 26.34
C HIS A 424 -4.19 -8.53 25.60
N TRP A 425 -3.91 -8.51 24.28
CA TRP A 425 -4.37 -7.41 23.43
C TRP A 425 -5.69 -7.78 22.74
N SER A 426 -6.82 -7.16 23.09
CA SER A 426 -6.97 -6.18 24.18
C SER A 426 -8.24 -6.51 24.97
N LEU A 427 -8.57 -5.73 25.99
CA LEU A 427 -9.80 -5.94 26.73
C LEU A 427 -11.03 -5.74 25.84
N ALA A 428 -11.07 -4.65 25.08
CA ALA A 428 -12.21 -4.34 24.24
C ALA A 428 -11.69 -3.95 22.86
N ASP A 429 -12.58 -3.99 21.86
CA ASP A 429 -12.25 -3.54 20.51
C ASP A 429 -11.77 -2.07 20.54
N ASN A 430 -10.98 -1.69 19.55
CA ASN A 430 -10.41 -0.35 19.48
C ASN A 430 -9.96 0.04 18.05
N TYR A 431 -9.41 1.26 17.90
CA TYR A 431 -9.10 1.83 16.59
C TYR A 431 -7.79 1.22 16.14
N GLU A 432 -7.83 0.33 15.14
CA GLU A 432 -6.58 -0.32 14.71
C GLU A 432 -5.84 0.54 13.69
N TRP A 433 -5.34 1.69 14.15
CA TRP A 433 -4.40 2.51 13.37
C TRP A 433 -4.89 2.81 11.94
N ALA A 434 -4.05 2.56 10.93
CA ALA A 434 -4.45 2.78 9.51
C ALA A 434 -5.63 1.90 9.04
N SER A 435 -5.90 0.80 9.74
CA SER A 435 -7.00 -0.11 9.37
C SER A 435 -8.38 0.29 9.91
N GLY A 436 -8.41 1.20 10.87
CA GLY A 436 -9.67 1.63 11.42
C GLY A 436 -10.24 0.63 12.40
N PHE A 437 -11.57 0.64 12.50
CA PHE A 437 -12.27 -0.12 13.50
C PHE A 437 -12.58 -1.59 13.15
N SER A 438 -12.40 -1.96 11.88
CA SER A 438 -12.79 -3.30 11.42
C SER A 438 -11.94 -4.44 11.98
N MET A 439 -10.70 -4.16 12.40
CA MET A 439 -9.88 -5.17 13.07
C MET A 439 -10.15 -5.17 14.56
N ARG A 440 -10.79 -6.24 15.04
CA ARG A 440 -11.38 -6.28 16.36
C ARG A 440 -10.70 -7.32 17.25
N PHE A 441 -9.93 -6.79 18.21
CA PHE A 441 -9.00 -7.56 19.05
C PHE A 441 -9.52 -7.81 20.45
N GLY A 442 -10.69 -7.29 20.81
CA GLY A 442 -11.11 -7.35 22.18
C GLY A 442 -11.67 -8.70 22.63
N LEU A 443 -11.42 -9.00 23.90
CA LEU A 443 -12.19 -10.02 24.61
C LEU A 443 -13.63 -9.52 24.70
N LEU A 444 -13.77 -8.19 24.73
CA LEU A 444 -15.09 -7.58 24.72
C LEU A 444 -15.36 -6.92 23.38
N LYS A 445 -16.55 -7.15 22.85
CA LYS A 445 -17.03 -6.48 21.63
CA LYS A 445 -17.01 -6.48 21.64
C LYS A 445 -17.54 -5.08 21.97
N VAL A 446 -17.20 -4.11 21.13
CA VAL A 446 -17.67 -2.74 21.26
C VAL A 446 -18.71 -2.50 20.17
N ASP A 447 -19.91 -2.10 20.58
CA ASP A 447 -20.86 -1.50 19.66
C ASP A 447 -20.56 0.00 19.60
N TYR A 448 -20.07 0.48 18.47
CA TYR A 448 -19.52 1.82 18.39
C TYR A 448 -20.58 2.92 18.36
N ASN A 449 -21.81 2.56 17.99
CA ASN A 449 -22.94 3.45 18.02
C ASN A 449 -23.31 3.85 19.45
N THR A 450 -23.19 2.92 20.40
CA THR A 450 -23.71 3.11 21.76
C THR A 450 -22.57 3.09 22.79
N LYS A 451 -21.42 2.59 22.37
CA LYS A 451 -20.25 2.42 23.23
C LYS A 451 -20.39 1.27 24.26
N ARG A 452 -21.45 0.48 24.11
CA ARG A 452 -21.71 -0.69 24.96
C ARG A 452 -20.70 -1.80 24.71
N LEU A 453 -20.27 -2.45 25.79
CA LEU A 453 -19.35 -3.59 25.72
C LEU A 453 -20.07 -4.93 25.93
N TYR A 454 -19.71 -5.92 25.11
CA TYR A 454 -20.26 -7.30 25.24
C TYR A 454 -19.17 -8.32 25.49
N TRP A 455 -19.51 -9.37 26.23
CA TRP A 455 -18.56 -10.45 26.51
C TRP A 455 -18.60 -11.46 25.37
N ARG A 456 -17.55 -11.50 24.57
CA ARG A 456 -17.35 -12.64 23.67
C ARG A 456 -17.11 -13.88 24.54
N PRO A 457 -17.50 -15.06 24.04
CA PRO A 457 -17.22 -16.28 24.83
C PRO A 457 -15.75 -16.43 25.30
N SER A 458 -14.78 -15.92 24.53
CA SER A 458 -13.38 -15.92 24.92
CA SER A 458 -13.38 -15.91 24.93
C SER A 458 -13.11 -15.17 26.23
N ALA A 459 -13.90 -14.12 26.48
CA ALA A 459 -13.83 -13.35 27.73
C ALA A 459 -14.17 -14.24 28.93
N LEU A 460 -15.28 -14.98 28.81
CA LEU A 460 -15.69 -16.02 29.75
C LEU A 460 -14.61 -17.10 29.95
N VAL A 461 -13.93 -17.49 28.87
CA VAL A 461 -12.80 -18.46 28.93
C VAL A 461 -11.61 -17.88 29.69
N TYR A 462 -11.28 -16.62 29.41
CA TYR A 462 -10.21 -15.88 30.10
C TYR A 462 -10.51 -15.67 31.59
N ARG A 463 -11.76 -15.39 31.89
CA ARG A 463 -12.18 -15.34 33.29
C ARG A 463 -11.85 -16.65 34.03
N GLU A 464 -12.04 -17.80 33.35
CA GLU A 464 -11.67 -19.10 33.92
C GLU A 464 -10.20 -19.18 34.21
N ILE A 465 -9.39 -18.72 33.25
CA ILE A 465 -7.95 -18.73 33.42
C ILE A 465 -7.53 -17.85 34.59
N ALA A 466 -8.07 -16.64 34.61
CA ALA A 466 -7.61 -15.58 35.50
C ALA A 466 -8.03 -15.78 36.97
N THR A 467 -9.31 -16.10 37.21
CA THR A 467 -9.79 -16.34 38.56
C THR A 467 -9.15 -17.60 39.17
N ASN A 468 -8.85 -18.59 38.32
CA ASN A 468 -8.14 -19.79 38.74
C ASN A 468 -6.61 -19.73 38.69
N GLY A 469 -6.03 -18.73 38.04
CA GLY A 469 -4.58 -18.67 37.98
C GLY A 469 -4.07 -19.90 37.23
N ALA A 470 -4.89 -20.38 36.30
CA ALA A 470 -4.59 -21.65 35.63
C ALA A 470 -5.41 -21.86 34.38
N ILE A 471 -4.85 -22.58 33.42
CA ILE A 471 -5.68 -23.25 32.42
C ILE A 471 -6.29 -24.43 33.18
N THR A 472 -7.60 -24.36 33.41
CA THR A 472 -8.30 -25.41 34.12
C THR A 472 -8.46 -26.66 33.26
N ASP A 473 -8.71 -27.79 33.92
CA ASP A 473 -8.93 -29.08 33.24
C ASP A 473 -10.05 -28.98 32.20
N GLU A 474 -11.11 -28.25 32.50
CA GLU A 474 -12.27 -28.15 31.61
C GLU A 474 -12.10 -27.39 30.30
N ILE A 475 -11.13 -26.46 30.24
CA ILE A 475 -10.88 -25.72 29.00
C ILE A 475 -9.58 -26.13 28.33
N GLU A 476 -9.00 -27.22 28.79
CA GLU A 476 -7.66 -27.58 28.36
C GLU A 476 -7.57 -28.09 26.89
N HIS A 477 -8.70 -28.49 26.35
CA HIS A 477 -8.75 -28.93 24.95
C HIS A 477 -8.48 -27.76 23.99
N LEU A 478 -8.71 -26.52 24.46
CA LEU A 478 -8.54 -25.30 23.66
C LEU A 478 -7.07 -24.96 23.46
N ASN A 479 -6.18 -25.71 24.08
CA ASN A 479 -4.76 -25.64 23.75
C ASN A 479 -4.48 -26.46 22.51
N SER A 480 -5.00 -25.99 21.36
CA SER A 480 -4.95 -26.66 20.05
C SER A 480 -5.23 -25.66 18.94
N VAL A 481 -4.98 -26.07 17.69
CA VAL A 481 -5.29 -25.27 16.51
C VAL A 481 -6.80 -25.21 16.21
N PRO A 482 -7.37 -23.99 15.94
CA PRO A 482 -8.77 -23.99 15.50
C PRO A 482 -8.96 -24.90 14.29
N PRO A 483 -10.01 -25.75 14.30
CA PRO A 483 -10.23 -26.62 13.14
C PRO A 483 -10.46 -25.76 11.89
N VAL A 484 -9.67 -26.03 10.85
CA VAL A 484 -9.72 -25.25 9.59
C VAL A 484 -10.86 -25.63 8.67
N LYS A 485 -11.28 -26.88 8.73
CA LYS A 485 -12.29 -27.42 7.82
C LYS A 485 -13.60 -26.59 7.84
N PRO A 486 -14.12 -26.25 9.03
CA PRO A 486 -15.29 -25.35 9.05
C PRO A 486 -15.01 -23.87 8.68
N LEU A 487 -13.73 -23.48 8.65
CA LEU A 487 -13.34 -22.12 8.38
C LEU A 487 -13.13 -21.87 6.89
N ARG A 488 -13.15 -20.61 6.52
CA ARG A 488 -12.83 -20.19 5.16
CA ARG A 488 -12.85 -20.23 5.16
C ARG A 488 -11.41 -20.60 4.80
N HIS A 489 -11.26 -21.12 3.60
CA HIS A 489 -9.98 -21.26 2.93
CA HIS A 489 -9.96 -21.26 2.91
C HIS A 489 -9.99 -20.31 1.68
N MET B 1 -25.94 -17.07 -33.15
CA MET B 1 -24.83 -16.48 -33.95
C MET B 1 -24.82 -14.96 -33.78
N TYR B 2 -23.63 -14.40 -33.63
CA TYR B 2 -23.46 -12.96 -33.66
C TYR B 2 -22.39 -12.60 -34.68
N SER B 3 -22.81 -11.86 -35.69
CA SER B 3 -21.93 -11.57 -36.80
C SER B 3 -21.50 -10.11 -36.80
N PHE B 4 -20.25 -9.89 -37.19
CA PHE B 4 -19.69 -8.54 -37.19
C PHE B 4 -19.57 -8.07 -38.63
N PRO B 5 -19.61 -6.74 -38.86
CA PRO B 5 -19.31 -6.19 -40.19
C PRO B 5 -18.06 -6.88 -40.79
N ASN B 6 -18.03 -6.99 -42.11
CA ASN B 6 -16.92 -7.66 -42.81
C ASN B 6 -15.58 -6.96 -42.56
N SER B 7 -15.66 -5.65 -42.32
CA SER B 7 -14.52 -4.79 -42.14
C SER B 7 -13.96 -4.77 -40.68
N PHE B 8 -14.81 -5.14 -39.70
CA PHE B 8 -14.44 -5.26 -38.28
C PHE B 8 -13.26 -6.20 -38.08
N ARG B 9 -12.36 -5.83 -37.18
CA ARG B 9 -11.13 -6.59 -36.95
C ARG B 9 -10.97 -7.04 -35.51
N PHE B 10 -10.53 -8.29 -35.36
CA PHE B 10 -10.22 -8.87 -34.08
C PHE B 10 -8.72 -8.97 -33.96
N GLY B 11 -8.18 -8.54 -32.82
CA GLY B 11 -6.74 -8.59 -32.63
C GLY B 11 -6.27 -8.59 -31.20
N TRP B 12 -5.09 -7.99 -30.99
CA TRP B 12 -4.57 -7.76 -29.65
C TRP B 12 -3.90 -6.41 -29.42
N SER B 13 -3.68 -6.11 -28.15
CA SER B 13 -2.82 -5.03 -27.72
C SER B 13 -1.66 -5.58 -26.86
N GLN B 14 -0.58 -4.79 -26.82
CA GLN B 14 0.70 -5.18 -26.25
C GLN B 14 1.48 -3.88 -25.95
N ALA B 15 2.34 -3.90 -24.92
CA ALA B 15 3.20 -2.77 -24.55
C ALA B 15 4.68 -3.14 -24.63
N GLY B 16 5.52 -2.17 -24.99
CA GLY B 16 6.97 -2.43 -25.15
C GLY B 16 7.66 -2.94 -23.90
N PHE B 17 7.49 -2.18 -22.82
CA PHE B 17 8.10 -2.45 -21.52
C PHE B 17 7.72 -3.82 -20.92
N GLN B 18 6.44 -4.19 -21.09
CA GLN B 18 5.87 -5.45 -20.60
C GLN B 18 6.30 -6.69 -21.41
N SER B 19 6.45 -6.55 -22.72
CA SER B 19 6.69 -7.73 -23.56
C SER B 19 8.04 -7.79 -24.28
N GLU B 20 8.72 -6.66 -24.50
CA GLU B 20 9.98 -6.65 -25.30
C GLU B 20 11.11 -7.44 -24.67
N MET B 21 11.43 -7.14 -23.42
CA MET B 21 12.62 -7.77 -22.81
C MET B 21 12.43 -9.23 -22.48
N GLY B 22 13.53 -9.97 -22.47
CA GLY B 22 13.51 -11.38 -22.11
C GLY B 22 14.53 -12.18 -22.89
N THR B 23 14.84 -11.73 -24.10
CA THR B 23 15.83 -12.40 -24.97
C THR B 23 17.19 -11.66 -24.96
N PRO B 24 18.30 -12.36 -25.30
CA PRO B 24 19.63 -11.75 -25.26
C PRO B 24 19.69 -10.42 -26.03
N GLY B 25 20.24 -9.39 -25.40
CA GLY B 25 20.44 -8.11 -26.07
C GLY B 25 19.20 -7.25 -26.18
N SER B 26 18.18 -7.54 -25.38
CA SER B 26 16.89 -6.81 -25.47
C SER B 26 16.77 -5.74 -24.39
N GLU B 27 17.71 -5.73 -23.46
CA GLU B 27 17.57 -4.87 -22.28
C GLU B 27 17.47 -3.38 -22.58
N ASP B 28 16.54 -2.72 -21.89
CA ASP B 28 16.41 -1.29 -21.96
C ASP B 28 16.38 -0.79 -20.53
N PRO B 29 17.58 -0.47 -19.96
CA PRO B 29 17.71 0.03 -18.60
C PRO B 29 17.35 1.50 -18.40
N ASN B 30 16.91 2.17 -19.46
CA ASN B 30 16.94 3.62 -19.47
C ASN B 30 15.63 4.34 -19.28
N THR B 31 14.67 3.68 -18.62
CA THR B 31 13.37 4.29 -18.30
C THR B 31 13.18 4.57 -16.82
N ASP B 32 12.26 5.48 -16.51
CA ASP B 32 11.82 5.64 -15.13
C ASP B 32 11.23 4.34 -14.57
N TRP B 33 10.46 3.61 -15.38
CA TRP B 33 9.87 2.33 -14.92
C TRP B 33 10.93 1.29 -14.59
N TYR B 34 11.96 1.19 -15.42
CA TYR B 34 13.04 0.23 -15.16
C TYR B 34 13.71 0.53 -13.81
N LYS B 35 14.08 1.79 -13.57
CA LYS B 35 14.73 2.17 -12.32
C LYS B 35 13.79 1.94 -11.11
N TRP B 36 12.52 2.26 -11.31
CA TRP B 36 11.48 2.15 -10.29
C TRP B 36 11.33 0.72 -9.77
N VAL B 37 11.38 -0.24 -10.68
CA VAL B 37 11.16 -1.64 -10.31
C VAL B 37 12.40 -2.32 -9.79
N HIS B 38 13.57 -1.70 -9.99
CA HIS B 38 14.86 -2.23 -9.50
C HIS B 38 15.24 -1.54 -8.25
N ASP B 39 14.44 -0.59 -7.80
CA ASP B 39 14.81 0.21 -6.65
C ASP B 39 14.72 -0.56 -5.32
N PRO B 40 15.86 -0.68 -4.61
CA PRO B 40 15.91 -1.40 -3.32
C PRO B 40 14.84 -0.99 -2.30
N GLU B 41 14.61 0.33 -2.14
CA GLU B 41 13.62 0.83 -1.20
C GLU B 41 12.18 0.54 -1.64
N ASN B 42 11.86 0.66 -2.93
CA ASN B 42 10.56 0.25 -3.45
C ASN B 42 10.29 -1.24 -3.23
N MET B 43 11.34 -2.06 -3.40
CA MET B 43 11.29 -3.49 -3.21
C MET B 43 11.00 -3.85 -1.75
N ALA B 44 11.78 -3.31 -0.82
CA ALA B 44 11.58 -3.55 0.62
C ALA B 44 10.22 -3.07 1.12
N ALA B 45 9.69 -2.01 0.52
CA ALA B 45 8.40 -1.51 0.92
C ALA B 45 7.25 -2.36 0.32
N GLY B 46 7.59 -3.26 -0.60
CA GLY B 46 6.61 -4.06 -1.29
C GLY B 46 5.80 -3.27 -2.29
N LEU B 47 6.34 -2.12 -2.71
CA LEU B 47 5.67 -1.26 -3.68
C LEU B 47 5.74 -1.87 -5.08
N VAL B 48 6.85 -2.55 -5.33
CA VAL B 48 7.05 -3.32 -6.53
C VAL B 48 7.27 -4.76 -6.09
N SER B 49 6.99 -5.70 -6.98
CA SER B 49 6.99 -7.13 -6.68
C SER B 49 8.37 -7.75 -6.50
N GLY B 50 9.40 -7.19 -7.15
CA GLY B 50 10.73 -7.78 -7.11
C GLY B 50 11.04 -8.46 -8.42
N ASP B 51 10.01 -8.75 -9.22
CA ASP B 51 10.19 -9.27 -10.56
C ASP B 51 10.78 -8.17 -11.43
N LEU B 52 11.57 -8.57 -12.42
CA LEU B 52 12.27 -7.60 -13.26
C LEU B 52 11.92 -7.81 -14.74
N PRO B 53 11.65 -6.71 -15.49
CA PRO B 53 11.14 -6.82 -16.87
C PRO B 53 12.11 -7.52 -17.79
N GLU B 54 13.39 -7.48 -17.44
CA GLU B 54 14.43 -8.07 -18.27
C GLU B 54 14.32 -9.60 -18.28
N ASN B 55 13.48 -10.16 -17.43
CA ASN B 55 13.24 -11.62 -17.46
C ASN B 55 11.90 -12.00 -18.12
N GLY B 56 11.42 -11.12 -18.98
CA GLY B 56 10.10 -11.22 -19.57
C GLY B 56 9.97 -12.11 -20.78
N PRO B 57 8.88 -11.91 -21.55
CA PRO B 57 8.42 -12.76 -22.64
C PRO B 57 9.41 -12.78 -23.83
N GLY B 58 10.24 -11.75 -23.93
CA GLY B 58 11.23 -11.69 -25.00
C GLY B 58 10.69 -11.44 -26.40
N TYR B 59 9.71 -10.54 -26.53
CA TYR B 59 9.17 -10.17 -27.85
C TYR B 59 10.17 -9.49 -28.81
N TRP B 60 11.19 -8.82 -28.25
CA TRP B 60 12.26 -8.20 -29.04
C TRP B 60 12.97 -9.25 -29.88
N GLY B 61 13.25 -10.40 -29.29
CA GLY B 61 13.85 -11.49 -30.03
C GLY B 61 12.86 -12.40 -30.75
N ASN B 62 11.68 -12.60 -30.16
CA ASN B 62 10.75 -13.63 -30.63
C ASN B 62 9.49 -13.13 -31.34
N TYR B 63 9.48 -11.86 -31.74
CA TYR B 63 8.31 -11.22 -32.35
C TYR B 63 7.66 -12.03 -33.49
N LYS B 64 8.46 -12.86 -34.16
CA LYS B 64 8.03 -13.64 -35.32
C LYS B 64 7.15 -14.81 -34.90
N THR B 65 7.56 -15.49 -33.81
CA THR B 65 6.75 -16.47 -33.12
C THR B 65 5.41 -15.92 -32.59
N PHE B 66 5.41 -14.69 -32.07
CA PHE B 66 4.21 -14.06 -31.58
C PHE B 66 3.27 -13.90 -32.76
N HIS B 67 3.86 -13.40 -33.85
CA HIS B 67 3.12 -13.10 -35.06
C HIS B 67 2.63 -14.37 -35.77
N ASP B 68 3.38 -15.48 -35.70
CA ASP B 68 2.96 -16.77 -36.27
CA ASP B 68 2.89 -16.70 -36.35
C ASP B 68 1.67 -17.28 -35.61
N ASN B 69 1.62 -17.10 -34.30
CA ASN B 69 0.51 -17.53 -33.49
C ASN B 69 -0.70 -16.63 -33.63
N ALA B 70 -0.49 -15.32 -33.68
CA ALA B 70 -1.62 -14.40 -33.89
C ALA B 70 -2.24 -14.56 -35.30
N GLN B 71 -1.43 -15.04 -36.25
CA GLN B 71 -1.90 -15.32 -37.60
C GLN B 71 -2.72 -16.61 -37.60
N LYS B 72 -2.17 -17.67 -37.02
CA LYS B 72 -2.91 -18.92 -36.83
C LYS B 72 -4.27 -18.71 -36.16
N MET B 73 -4.31 -17.74 -35.24
CA MET B 73 -5.50 -17.41 -34.46
C MET B 73 -6.46 -16.52 -35.23
N GLY B 74 -6.09 -16.21 -36.48
CA GLY B 74 -6.95 -15.42 -37.37
C GLY B 74 -7.07 -13.95 -37.05
N LEU B 75 -6.14 -13.44 -36.23
CA LEU B 75 -6.16 -12.01 -35.84
C LEU B 75 -5.76 -11.13 -37.02
N LYS B 76 -6.34 -9.94 -37.08
CA LYS B 76 -6.21 -9.06 -38.25
C LYS B 76 -5.80 -7.62 -37.92
N ILE B 77 -5.58 -7.37 -36.63
CA ILE B 77 -5.20 -6.06 -36.11
C ILE B 77 -4.29 -6.23 -34.88
N ALA B 78 -3.41 -5.24 -34.66
CA ALA B 78 -2.54 -5.24 -33.49
C ALA B 78 -2.30 -3.79 -33.12
N ARG B 79 -2.25 -3.52 -31.82
CA ARG B 79 -1.76 -2.25 -31.36
C ARG B 79 -0.61 -2.47 -30.38
N LEU B 80 0.44 -1.64 -30.58
CA LEU B 80 1.74 -1.75 -29.92
C LEU B 80 2.25 -0.33 -29.78
N ASN B 81 3.25 -0.13 -28.94
CA ASN B 81 3.99 1.14 -28.88
C ASN B 81 5.47 0.97 -29.19
N VAL B 82 6.09 2.07 -29.60
CA VAL B 82 7.55 2.18 -29.58
C VAL B 82 7.92 2.72 -28.21
N GLU B 83 8.98 2.15 -27.63
CA GLU B 83 9.51 2.70 -26.40
C GLU B 83 10.42 3.92 -26.72
N TRP B 84 9.95 5.08 -26.31
CA TRP B 84 10.63 6.38 -26.40
C TRP B 84 12.12 6.28 -26.05
N SER B 85 12.39 5.61 -24.93
CA SER B 85 13.72 5.42 -24.37
C SER B 85 14.68 4.58 -25.21
N ARG B 86 14.16 3.66 -26.03
CA ARG B 86 15.00 2.86 -26.90
C ARG B 86 15.46 3.71 -28.08
N ILE B 87 14.68 4.74 -28.43
CA ILE B 87 15.00 5.60 -29.59
C ILE B 87 15.87 6.76 -29.17
N PHE B 88 15.48 7.45 -28.10
CA PHE B 88 16.33 8.51 -27.55
C PHE B 88 16.75 8.22 -26.11
N PRO B 89 17.77 7.34 -25.92
CA PRO B 89 18.35 6.95 -24.63
C PRO B 89 19.19 8.01 -23.90
N ASN B 90 19.68 8.99 -24.67
CA ASN B 90 20.44 10.11 -24.16
C ASN B 90 19.65 11.38 -24.40
N PRO B 91 19.97 12.46 -23.66
CA PRO B 91 19.20 13.69 -23.83
C PRO B 91 19.37 14.37 -25.21
N LEU B 92 18.38 15.17 -25.55
CA LEU B 92 18.38 15.93 -26.77
C LEU B 92 18.78 17.35 -26.39
N PRO B 93 19.35 18.12 -27.35
CA PRO B 93 19.68 19.52 -27.07
C PRO B 93 18.49 20.28 -26.49
N ARG B 94 18.74 21.11 -25.48
CA ARG B 94 17.70 21.96 -24.89
C ARG B 94 17.13 22.79 -26.04
N PRO B 95 15.80 22.82 -26.16
CA PRO B 95 15.15 23.39 -27.34
C PRO B 95 15.23 24.91 -27.44
N GLN B 96 15.06 25.42 -28.66
CA GLN B 96 14.98 26.86 -28.90
C GLN B 96 13.54 27.39 -28.81
N ASN B 97 13.43 28.66 -28.41
CA ASN B 97 12.12 29.32 -28.23
C ASN B 97 11.23 28.47 -27.33
N PHE B 98 11.79 28.09 -26.19
CA PHE B 98 11.06 27.33 -25.21
C PHE B 98 11.32 27.87 -23.81
N ASP B 99 10.22 28.25 -23.17
CA ASP B 99 10.22 28.86 -21.88
C ASP B 99 9.67 27.87 -20.82
N GLU B 100 10.57 27.23 -20.08
CA GLU B 100 10.18 26.23 -19.08
C GLU B 100 9.18 26.75 -18.03
N SER B 101 9.05 28.07 -17.92
CA SER B 101 8.20 28.70 -16.90
C SER B 101 6.75 28.92 -17.35
N LYS B 102 6.52 28.90 -18.66
CA LYS B 102 5.16 29.03 -19.23
CA LYS B 102 5.16 29.05 -19.17
C LYS B 102 4.33 27.79 -18.91
N GLN B 103 3.16 28.01 -18.31
CA GLN B 103 2.22 26.94 -17.97
C GLN B 103 1.69 26.25 -19.23
N ASP B 104 1.27 27.02 -20.23
CA ASP B 104 0.70 26.46 -21.46
C ASP B 104 1.74 26.21 -22.56
N VAL B 105 1.54 25.11 -23.30
CA VAL B 105 2.30 24.81 -24.52
C VAL B 105 1.29 24.71 -25.66
N THR B 106 1.07 25.84 -26.35
CA THR B 106 0.02 25.98 -27.36
C THR B 106 0.53 25.64 -28.76
N GLU B 107 1.84 25.56 -28.90
CA GLU B 107 2.45 25.21 -30.17
C GLU B 107 3.82 24.65 -29.91
N VAL B 108 4.20 23.65 -30.70
CA VAL B 108 5.58 23.19 -30.80
C VAL B 108 5.87 23.08 -32.29
N GLU B 109 6.79 23.91 -32.77
CA GLU B 109 7.13 23.88 -34.17
C GLU B 109 8.15 22.82 -34.49
N ILE B 110 7.81 22.01 -35.48
CA ILE B 110 8.67 20.94 -35.95
C ILE B 110 8.58 21.01 -37.47
N ASN B 111 9.73 21.08 -38.12
CA ASN B 111 9.82 21.08 -39.57
C ASN B 111 10.77 20.00 -40.01
N GLU B 112 10.92 19.86 -41.33
CA GLU B 112 11.74 18.80 -41.91
CA GLU B 112 11.73 18.77 -41.87
C GLU B 112 13.20 18.86 -41.41
N ASN B 113 13.73 20.08 -41.28
CA ASN B 113 15.11 20.31 -40.79
C ASN B 113 15.30 19.90 -39.33
N GLU B 114 14.38 20.34 -38.46
CA GLU B 114 14.26 19.85 -37.09
C GLU B 114 14.32 18.31 -37.04
N LEU B 115 13.57 17.66 -37.92
CA LEU B 115 13.44 16.20 -37.93
C LEU B 115 14.71 15.50 -38.33
N LYS B 116 15.42 16.08 -39.31
CA LYS B 116 16.73 15.58 -39.76
C LYS B 116 17.78 15.70 -38.64
N ARG B 117 17.64 16.74 -37.81
CA ARG B 117 18.53 16.95 -36.65
CA ARG B 117 18.52 16.95 -36.66
C ARG B 117 18.27 15.92 -35.54
N LEU B 118 16.99 15.67 -35.26
CA LEU B 118 16.57 14.67 -34.26
C LEU B 118 17.10 13.32 -34.70
N ASP B 119 17.00 13.05 -36.00
CA ASP B 119 17.52 11.84 -36.58
C ASP B 119 19.01 11.57 -36.25
N GLU B 120 19.78 12.64 -36.01
CA GLU B 120 21.19 12.50 -35.63
C GLU B 120 21.39 11.85 -34.26
N TYR B 121 20.38 12.01 -33.40
CA TYR B 121 20.42 11.54 -32.01
C TYR B 121 19.74 10.17 -31.74
N ALA B 122 18.89 9.74 -32.67
CA ALA B 122 18.09 8.51 -32.54
C ALA B 122 18.95 7.27 -32.63
N ASN B 123 18.64 6.30 -31.79
CA ASN B 123 19.35 5.04 -31.86
C ASN B 123 18.92 4.25 -33.11
N LYS B 124 19.88 3.95 -33.97
CA LYS B 124 19.59 3.38 -35.27
C LYS B 124 19.34 1.87 -35.24
N ASP B 125 20.02 1.15 -34.33
CA ASP B 125 19.78 -0.28 -34.12
C ASP B 125 18.32 -0.54 -33.69
N ALA B 126 17.84 0.30 -32.76
CA ALA B 126 16.48 0.27 -32.27
C ALA B 126 15.50 0.62 -33.38
N LEU B 127 15.85 1.63 -34.17
CA LEU B 127 14.96 2.10 -35.23
C LEU B 127 14.78 1.00 -36.24
N ASN B 128 15.91 0.40 -36.64
CA ASN B 128 15.91 -0.65 -37.63
CA ASN B 128 15.95 -0.67 -37.61
C ASN B 128 15.25 -1.92 -37.09
N HIS B 129 15.46 -2.22 -35.80
CA HIS B 129 14.84 -3.42 -35.20
C HIS B 129 13.31 -3.31 -35.14
N TYR B 130 12.81 -2.12 -34.82
CA TYR B 130 11.40 -1.85 -34.82
C TYR B 130 10.82 -1.99 -36.22
N ARG B 131 11.52 -1.43 -37.20
CA ARG B 131 11.10 -1.54 -38.60
C ARG B 131 10.96 -3.02 -38.95
N GLU B 132 11.94 -3.82 -38.56
CA GLU B 132 11.92 -5.26 -38.84
C GLU B 132 10.72 -5.99 -38.19
N ILE B 133 10.36 -5.56 -36.98
CA ILE B 133 9.20 -6.07 -36.24
C ILE B 133 7.88 -5.71 -36.95
N PHE B 134 7.67 -4.41 -37.19
CA PHE B 134 6.45 -3.89 -37.82
C PHE B 134 6.24 -4.39 -39.27
N LYS B 135 7.33 -4.57 -39.99
CA LYS B 135 7.31 -5.10 -41.33
C LYS B 135 6.79 -6.54 -41.30
N ASP B 136 7.37 -7.34 -40.41
CA ASP B 136 6.95 -8.73 -40.23
C ASP B 136 5.48 -8.77 -39.78
N LEU B 137 5.08 -7.76 -39.01
CA LEU B 137 3.73 -7.70 -38.49
C LEU B 137 2.80 -7.47 -39.66
N LYS B 138 3.14 -6.48 -40.48
CA LYS B 138 2.33 -6.11 -41.63
C LYS B 138 2.29 -7.23 -42.66
N SER B 139 3.31 -8.08 -42.66
CA SER B 139 3.38 -9.19 -43.59
C SER B 139 2.36 -10.31 -43.28
N ARG B 140 1.97 -10.46 -42.01
CA ARG B 140 0.91 -11.41 -41.68
C ARG B 140 -0.46 -10.79 -41.66
N GLY B 141 -0.66 -9.78 -42.50
CA GLY B 141 -1.98 -9.18 -42.71
C GLY B 141 -2.60 -8.50 -41.51
N LEU B 142 -1.77 -7.96 -40.63
CA LEU B 142 -2.27 -7.26 -39.45
C LEU B 142 -2.32 -5.77 -39.70
N TYR B 143 -3.48 -5.19 -39.52
CA TYR B 143 -3.65 -3.75 -39.45
C TYR B 143 -2.91 -3.24 -38.22
N PHE B 144 -2.17 -2.15 -38.37
CA PHE B 144 -1.25 -1.71 -37.31
C PHE B 144 -1.67 -0.38 -36.74
N ILE B 145 -2.04 -0.36 -35.46
CA ILE B 145 -2.21 0.88 -34.72
C ILE B 145 -0.93 1.09 -33.91
N LEU B 146 -0.21 2.18 -34.20
CA LEU B 146 1.03 2.49 -33.49
C LEU B 146 0.74 3.54 -32.45
N ASN B 147 1.00 3.14 -31.21
CA ASN B 147 0.86 3.98 -30.05
C ASN B 147 2.24 4.57 -29.73
N MET B 148 2.30 5.83 -29.33
CA MET B 148 3.59 6.47 -29.08
C MET B 148 4.10 6.22 -27.67
N TYR B 149 3.16 6.09 -26.73
CA TYR B 149 3.47 6.14 -25.30
C TYR B 149 2.62 5.17 -24.43
N HIS B 150 3.28 4.29 -23.68
CA HIS B 150 2.61 3.33 -22.80
C HIS B 150 3.34 3.25 -21.48
N TRP B 151 3.55 4.43 -20.90
CA TRP B 151 3.94 4.68 -19.47
C TRP B 151 5.40 5.01 -19.13
N PRO B 152 6.38 4.14 -19.46
CA PRO B 152 7.78 4.53 -19.22
C PRO B 152 8.29 5.73 -20.05
N LEU B 153 8.90 6.68 -19.34
CA LEU B 153 9.62 7.84 -19.93
C LEU B 153 11.14 7.56 -19.92
N PRO B 154 11.90 8.17 -20.88
CA PRO B 154 13.38 8.10 -20.74
C PRO B 154 13.83 8.63 -19.37
N LEU B 155 14.81 8.01 -18.74
CA LEU B 155 15.28 8.53 -17.44
C LEU B 155 15.77 9.99 -17.49
N TRP B 156 16.32 10.40 -18.63
CA TRP B 156 16.79 11.79 -18.76
C TRP B 156 15.62 12.76 -18.67
N LEU B 157 14.40 12.25 -18.84
CA LEU B 157 13.20 13.07 -18.65
C LEU B 157 12.47 12.91 -17.30
N HIS B 158 12.82 11.85 -16.56
CA HIS B 158 12.17 11.56 -15.28
C HIS B 158 13.03 10.67 -14.43
N ASP B 159 13.45 11.17 -13.28
CA ASP B 159 14.03 10.33 -12.25
C ASP B 159 12.98 10.19 -11.16
N PRO B 160 12.26 9.03 -11.15
CA PRO B 160 11.09 8.88 -10.27
C PRO B 160 11.46 8.75 -8.82
N ILE B 161 12.66 8.25 -8.54
CA ILE B 161 13.12 8.03 -7.15
C ILE B 161 13.37 9.35 -6.43
N ARG B 162 13.98 10.26 -7.17
CA ARG B 162 14.26 11.62 -6.70
C ARG B 162 12.94 12.35 -6.45
N VAL B 163 12.00 12.25 -7.39
CA VAL B 163 10.67 12.83 -7.20
C VAL B 163 9.89 12.19 -6.05
N ARG B 164 10.02 10.86 -5.92
CA ARG B 164 9.49 10.10 -4.77
C ARG B 164 9.99 10.69 -3.43
N ARG B 165 11.28 11.02 -3.42
CA ARG B 165 11.97 11.58 -2.26
C ARG B 165 11.60 13.04 -1.93
N GLY B 166 10.79 13.65 -2.80
CA GLY B 166 10.29 15.02 -2.56
C GLY B 166 11.25 16.07 -3.12
N ASP B 167 12.11 15.62 -4.03
CA ASP B 167 13.16 16.45 -4.63
C ASP B 167 12.76 16.76 -6.05
N PHE B 168 12.36 18.01 -6.28
CA PHE B 168 11.84 18.41 -7.58
C PHE B 168 12.86 19.16 -8.46
N THR B 169 14.14 19.07 -8.11
CA THR B 169 15.19 19.80 -8.82
C THR B 169 15.70 19.06 -10.06
N GLY B 170 15.24 17.84 -10.27
CA GLY B 170 15.77 16.98 -11.32
C GLY B 170 14.75 16.75 -12.42
N PRO B 171 15.03 15.78 -13.32
CA PRO B 171 14.04 15.46 -14.36
C PRO B 171 12.73 14.96 -13.73
N SER B 172 11.64 15.69 -13.99
CA SER B 172 10.40 15.50 -13.27
CA SER B 172 10.39 15.52 -13.28
C SER B 172 9.21 15.00 -14.12
N GLY B 173 9.49 14.44 -15.28
CA GLY B 173 8.47 13.78 -16.09
C GLY B 173 7.31 14.67 -16.44
N TRP B 174 6.10 14.17 -16.24
CA TRP B 174 4.90 14.91 -16.63
C TRP B 174 4.69 16.16 -15.80
N LEU B 175 5.55 16.41 -14.83
CA LEU B 175 5.44 17.68 -14.09
C LEU B 175 6.16 18.83 -14.83
N SER B 176 6.93 18.49 -15.85
CA SER B 176 7.68 19.45 -16.61
C SER B 176 7.14 19.61 -18.03
N THR B 177 6.89 20.86 -18.43
CA THR B 177 6.52 21.22 -19.83
C THR B 177 7.60 20.86 -20.88
N ARG B 178 8.82 20.56 -20.42
CA ARG B 178 9.87 20.05 -21.30
C ARG B 178 9.46 18.69 -21.87
N THR B 179 8.94 17.83 -20.99
CA THR B 179 8.49 16.50 -21.38
C THR B 179 7.36 16.64 -22.41
N VAL B 180 6.51 17.65 -22.23
CA VAL B 180 5.47 17.96 -23.21
C VAL B 180 6.08 18.29 -24.56
N TYR B 181 7.05 19.21 -24.56
CA TYR B 181 7.76 19.64 -25.75
C TYR B 181 8.36 18.46 -26.48
N GLU B 182 9.12 17.65 -25.73
CA GLU B 182 9.84 16.49 -26.24
C GLU B 182 8.92 15.37 -26.74
N PHE B 183 7.80 15.14 -26.04
CA PHE B 183 6.80 14.15 -26.50
C PHE B 183 6.24 14.46 -27.89
N ALA B 184 5.87 15.73 -28.11
CA ALA B 184 5.49 16.24 -29.45
C ALA B 184 6.54 15.96 -30.52
N ARG B 185 7.78 16.35 -30.28
CA ARG B 185 8.89 16.12 -31.23
C ARG B 185 9.07 14.65 -31.49
N PHE B 186 9.02 13.85 -30.42
CA PHE B 186 9.22 12.38 -30.49
C PHE B 186 8.17 11.70 -31.38
N SER B 187 6.91 12.10 -31.21
CA SER B 187 5.75 11.56 -31.95
C SER B 187 5.80 11.88 -33.42
N ALA B 188 5.97 13.16 -33.72
CA ALA B 188 6.15 13.63 -35.11
C ALA B 188 7.28 12.86 -35.75
N TYR B 189 8.38 12.73 -35.01
CA TYR B 189 9.55 11.98 -35.46
C TYR B 189 9.22 10.53 -35.81
N ILE B 190 8.48 9.84 -34.93
CA ILE B 190 8.10 8.43 -35.14
C ILE B 190 7.15 8.26 -36.34
N ALA B 191 6.14 9.13 -36.42
CA ALA B 191 5.28 9.25 -37.60
C ALA B 191 6.09 9.47 -38.87
N TRP B 192 7.04 10.41 -38.81
CA TRP B 192 7.93 10.75 -39.91
C TRP B 192 8.71 9.54 -40.39
N LYS B 193 9.18 8.71 -39.46
CA LYS B 193 9.99 7.52 -39.80
C LYS B 193 9.16 6.28 -40.13
N PHE B 194 7.97 6.16 -39.53
CA PHE B 194 7.23 4.90 -39.67
C PHE B 194 5.94 4.92 -40.51
N ASP B 195 5.51 6.10 -40.97
CA ASP B 195 4.17 6.29 -41.58
C ASP B 195 3.88 5.32 -42.69
N ASP B 196 4.91 4.83 -43.35
CA ASP B 196 4.73 3.84 -44.39
C ASP B 196 4.17 2.51 -43.86
N LEU B 197 4.45 2.21 -42.59
CA LEU B 197 4.08 0.93 -41.98
C LEU B 197 2.82 1.02 -41.11
N VAL B 198 2.33 2.23 -40.88
CA VAL B 198 1.28 2.46 -39.90
C VAL B 198 -0.07 2.73 -40.56
N ASP B 199 -1.14 2.20 -39.96
CA ASP B 199 -2.49 2.40 -40.45
C ASP B 199 -3.17 3.48 -39.63
N GLU B 200 -3.10 3.38 -38.31
CA GLU B 200 -3.61 4.44 -37.43
C GLU B 200 -2.68 4.72 -36.23
N TYR B 201 -2.82 5.91 -35.62
CA TYR B 201 -1.97 6.31 -34.51
C TYR B 201 -2.79 6.55 -33.25
N SER B 202 -2.20 6.14 -32.14
CA SER B 202 -2.59 6.67 -30.84
C SER B 202 -1.41 7.47 -30.28
N THR B 203 -1.70 8.58 -29.63
CA THR B 203 -0.64 9.31 -28.95
C THR B 203 -0.17 8.53 -27.72
N MET B 204 -1.15 8.25 -26.83
CA MET B 204 -0.92 7.74 -25.49
C MET B 204 -1.82 6.56 -25.13
N ASN B 205 -1.35 5.73 -24.20
CA ASN B 205 -2.13 4.70 -23.56
C ASN B 205 -2.45 5.11 -22.12
N GLU B 206 -3.73 5.30 -21.81
CA GLU B 206 -4.24 5.53 -20.44
C GLU B 206 -3.48 6.57 -19.63
N PRO B 207 -3.43 7.83 -20.11
CA PRO B 207 -2.74 8.87 -19.35
C PRO B 207 -3.34 9.09 -17.99
N ASN B 208 -4.64 8.84 -17.85
CA ASN B 208 -5.32 9.12 -16.59
C ASN B 208 -4.82 8.21 -15.47
N VAL B 209 -4.32 7.04 -15.84
CA VAL B 209 -3.71 6.11 -14.90
C VAL B 209 -2.30 6.58 -14.52
N VAL B 210 -1.50 6.99 -15.50
CA VAL B 210 -0.16 7.56 -15.24
C VAL B 210 -0.23 8.67 -14.16
N GLY B 211 -1.04 9.68 -14.39
CA GLY B 211 -1.25 10.74 -13.39
C GLY B 211 -2.01 10.40 -12.12
N GLY B 212 -3.05 9.56 -12.23
CA GLY B 212 -3.81 9.11 -11.02
C GLY B 212 -3.03 8.20 -10.07
N LEU B 213 -2.43 7.14 -10.60
CA LEU B 213 -1.62 6.23 -9.78
C LEU B 213 -0.23 6.81 -9.42
N GLY B 214 0.35 7.57 -10.34
CA GLY B 214 1.61 8.29 -10.06
C GLY B 214 1.59 9.23 -8.87
N TYR B 215 0.47 9.92 -8.64
CA TYR B 215 0.41 11.04 -7.68
C TYR B 215 -0.76 11.01 -6.69
N VAL B 216 -1.65 10.02 -6.81
CA VAL B 216 -2.71 9.83 -5.78
C VAL B 216 -2.77 8.38 -5.24
N GLY B 217 -2.97 7.41 -6.13
CA GLY B 217 -3.05 6.00 -5.77
C GLY B 217 -1.67 5.38 -5.57
N VAL B 218 -0.97 5.90 -4.56
CA VAL B 218 0.46 5.59 -4.35
C VAL B 218 0.73 4.17 -3.85
N LYS B 219 -0.28 3.49 -3.31
CA LYS B 219 -0.08 2.11 -2.90
C LYS B 219 0.04 1.14 -4.08
N SER B 220 -0.35 1.60 -5.26
CA SER B 220 -0.24 0.81 -6.47
CA SER B 220 -0.23 0.84 -6.50
C SER B 220 1.21 0.68 -6.95
N GLY B 221 2.12 1.47 -6.38
CA GLY B 221 3.53 1.41 -6.76
C GLY B 221 3.79 1.84 -8.20
N PHE B 222 3.13 2.92 -8.62
CA PHE B 222 3.45 3.56 -9.93
C PHE B 222 4.38 4.77 -9.73
N PRO B 223 5.33 4.98 -10.65
CA PRO B 223 6.24 6.13 -10.47
C PRO B 223 5.57 7.48 -10.74
N PRO B 224 5.98 8.54 -10.02
CA PRO B 224 7.05 8.58 -9.02
C PRO B 224 6.54 8.26 -7.64
N GLY B 225 5.23 7.98 -7.52
CA GLY B 225 4.63 7.63 -6.23
C GLY B 225 4.76 8.75 -5.23
N TYR B 226 4.49 9.96 -5.69
CA TYR B 226 4.50 11.15 -4.83
C TYR B 226 3.06 11.64 -4.65
N LEU B 227 2.61 11.65 -3.41
CA LEU B 227 1.20 11.86 -3.09
C LEU B 227 0.88 13.35 -3.06
N SER B 228 0.07 13.78 -4.03
CA SER B 228 -0.21 15.21 -4.24
C SER B 228 -1.42 15.39 -5.13
N PHE B 229 -2.52 15.91 -4.58
CA PHE B 229 -3.66 16.30 -5.42
C PHE B 229 -3.25 17.33 -6.49
N GLU B 230 -2.57 18.39 -6.04
CA GLU B 230 -2.07 19.50 -6.88
C GLU B 230 -1.14 19.01 -7.98
N LEU B 231 -0.14 18.19 -7.64
CA LEU B 231 0.74 17.64 -8.69
C LEU B 231 0.10 16.62 -9.63
N SER B 232 -0.93 15.89 -9.17
CA SER B 232 -1.74 15.07 -10.08
CA SER B 232 -1.74 15.07 -10.08
C SER B 232 -2.46 15.93 -11.13
N ARG B 233 -3.00 17.07 -10.71
CA ARG B 233 -3.66 18.00 -11.66
C ARG B 233 -2.69 18.56 -12.68
N ARG B 234 -1.52 18.98 -12.17
CA ARG B 234 -0.45 19.52 -13.01
CA ARG B 234 -0.44 19.51 -13.00
C ARG B 234 0.00 18.50 -14.06
N ALA B 235 0.30 17.27 -13.62
CA ALA B 235 0.72 16.22 -14.56
C ALA B 235 -0.35 15.95 -15.61
N MET B 236 -1.62 15.95 -15.18
CA MET B 236 -2.73 15.72 -16.09
C MET B 236 -2.93 16.86 -17.10
N TYR B 237 -2.87 18.09 -16.62
CA TYR B 237 -2.84 19.27 -17.50
C TYR B 237 -1.71 19.15 -18.57
N ASN B 238 -0.51 18.82 -18.13
CA ASN B 238 0.62 18.65 -19.07
C ASN B 238 0.42 17.53 -20.08
N ILE B 239 -0.11 16.39 -19.59
CA ILE B 239 -0.40 15.24 -20.46
C ILE B 239 -1.45 15.57 -21.54
N ILE B 240 -2.45 16.35 -21.17
CA ILE B 240 -3.47 16.84 -22.11
C ILE B 240 -2.87 17.67 -23.25
N GLN B 241 -2.05 18.68 -22.91
CA GLN B 241 -1.47 19.55 -23.95
C GLN B 241 -0.36 18.81 -24.74
N ALA B 242 0.31 17.86 -24.08
CA ALA B 242 1.21 16.91 -24.76
C ALA B 242 0.51 16.07 -25.81
N HIS B 243 -0.73 15.70 -25.53
CA HIS B 243 -1.50 14.93 -26.51
C HIS B 243 -1.82 15.79 -27.73
N ALA B 244 -2.36 17.00 -27.49
CA ALA B 244 -2.68 17.96 -28.56
C ALA B 244 -1.43 18.28 -29.42
N ARG B 245 -0.33 18.59 -28.74
CA ARG B 245 0.95 18.86 -29.42
C ARG B 245 1.46 17.70 -30.27
N ALA B 246 1.34 16.47 -29.75
CA ALA B 246 1.73 15.26 -30.51
C ALA B 246 0.78 14.96 -31.68
N TYR B 247 -0.49 15.32 -31.50
CA TYR B 247 -1.47 15.23 -32.56
C TYR B 247 -1.05 16.12 -33.76
N ASP B 248 -0.89 17.43 -33.50
CA ASP B 248 -0.40 18.41 -34.48
C ASP B 248 0.93 17.98 -35.13
N GLY B 249 1.84 17.50 -34.29
CA GLY B 249 3.10 16.93 -34.75
C GLY B 249 2.95 15.76 -35.71
N ILE B 250 2.03 14.84 -35.45
CA ILE B 250 1.87 13.67 -36.33
C ILE B 250 1.22 14.14 -37.63
N LYS B 251 0.19 14.97 -37.49
CA LYS B 251 -0.52 15.54 -38.61
C LYS B 251 0.40 16.33 -39.55
N SER B 252 1.47 16.94 -39.00
CA SER B 252 2.45 17.64 -39.86
C SER B 252 3.16 16.68 -40.82
N VAL B 253 3.25 15.40 -40.45
CA VAL B 253 3.90 14.43 -41.33
C VAL B 253 2.95 13.30 -41.83
N SER B 254 1.68 13.35 -41.44
CA SER B 254 0.78 12.23 -41.77
C SER B 254 -0.65 12.65 -42.08
N LYS B 255 -1.27 11.95 -43.02
CA LYS B 255 -2.70 12.12 -43.30
C LYS B 255 -3.55 11.13 -42.46
N LYS B 256 -2.88 10.13 -41.90
CA LYS B 256 -3.52 9.02 -41.21
C LYS B 256 -4.23 9.38 -39.90
N PRO B 257 -5.17 8.53 -39.44
CA PRO B 257 -5.96 8.89 -38.24
C PRO B 257 -5.16 8.86 -36.93
N VAL B 258 -5.49 9.79 -36.03
CA VAL B 258 -4.81 9.95 -34.76
C VAL B 258 -5.83 10.10 -33.61
N GLY B 259 -5.80 9.14 -32.69
CA GLY B 259 -6.63 9.26 -31.53
C GLY B 259 -5.83 9.00 -30.28
N ILE B 260 -6.54 8.52 -29.25
CA ILE B 260 -5.97 8.29 -27.93
C ILE B 260 -6.63 7.09 -27.23
N ILE B 261 -5.90 6.47 -26.32
CA ILE B 261 -6.36 5.28 -25.61
C ILE B 261 -6.48 5.66 -24.14
N TYR B 262 -7.64 5.35 -23.56
CA TYR B 262 -8.00 5.84 -22.25
C TYR B 262 -8.57 4.70 -21.42
N ALA B 263 -8.31 4.75 -20.12
CA ALA B 263 -8.75 3.74 -19.15
C ALA B 263 -10.15 4.04 -18.67
N ASN B 264 -11.01 3.06 -18.86
CA ASN B 264 -12.46 3.18 -18.58
C ASN B 264 -12.95 2.16 -17.59
N SER B 265 -13.75 2.60 -16.63
CA SER B 265 -14.67 1.69 -15.97
C SER B 265 -16.11 2.15 -16.21
N SER B 266 -17.04 1.20 -16.17
CA SER B 266 -18.47 1.50 -16.27
C SER B 266 -19.01 1.94 -14.91
N PHE B 267 -19.56 3.15 -14.83
CA PHE B 267 -20.07 3.61 -13.53
C PHE B 267 -21.52 3.20 -13.36
N GLN B 268 -21.79 2.54 -12.24
CA GLN B 268 -23.06 1.87 -12.03
C GLN B 268 -23.59 2.38 -10.72
N PRO B 269 -24.91 2.65 -10.64
CA PRO B 269 -25.48 3.12 -9.37
C PRO B 269 -25.62 1.98 -8.38
N LEU B 270 -25.32 2.27 -7.12
CA LEU B 270 -25.55 1.31 -6.05
C LEU B 270 -27.05 0.99 -5.93
N THR B 271 -27.86 2.04 -5.72
CA THR B 271 -29.32 1.96 -5.58
C THR B 271 -29.90 2.82 -6.70
N ASP B 272 -31.22 2.75 -6.92
CA ASP B 272 -31.83 3.50 -8.03
C ASP B 272 -31.83 5.02 -7.82
N LYS B 273 -31.43 5.45 -6.62
CA LYS B 273 -31.33 6.84 -6.22
CA LYS B 273 -31.36 6.86 -6.28
C LYS B 273 -29.97 7.47 -6.57
N ASP B 274 -29.09 6.65 -7.16
CA ASP B 274 -27.70 7.06 -7.43
C ASP B 274 -27.39 7.32 -8.92
N MET B 275 -28.42 7.60 -9.71
CA MET B 275 -28.24 7.87 -11.14
C MET B 275 -27.37 9.12 -11.41
N GLU B 276 -27.53 10.14 -10.57
CA GLU B 276 -26.81 11.40 -10.70
C GLU B 276 -25.35 11.24 -10.26
N ALA B 277 -25.13 10.39 -9.25
CA ALA B 277 -23.79 10.09 -8.75
C ALA B 277 -22.94 9.48 -9.85
N VAL B 278 -23.60 8.69 -10.70
CA VAL B 278 -22.97 8.11 -11.88
C VAL B 278 -22.52 9.17 -12.87
N GLU B 279 -23.41 10.11 -13.21
CA GLU B 279 -23.10 11.23 -14.12
C GLU B 279 -21.91 12.06 -13.62
N MET B 280 -21.89 12.33 -12.31
CA MET B 280 -20.81 13.06 -11.66
C MET B 280 -19.48 12.35 -11.76
N ALA B 281 -19.51 11.02 -11.58
CA ALA B 281 -18.34 10.16 -11.72
C ALA B 281 -17.87 10.08 -13.16
N GLU B 282 -18.81 10.07 -14.09
CA GLU B 282 -18.47 10.08 -15.50
C GLU B 282 -17.83 11.42 -15.96
N ASN B 283 -18.23 12.51 -15.32
CA ASN B 283 -17.64 13.83 -15.55
C ASN B 283 -16.22 13.88 -15.07
N ASP B 284 -16.04 13.53 -13.79
CA ASP B 284 -14.75 13.57 -13.10
C ASP B 284 -13.70 12.64 -13.65
N ASN B 285 -14.11 11.55 -14.29
CA ASN B 285 -13.19 10.48 -14.67
C ASN B 285 -13.04 10.31 -16.17
N ARG B 286 -13.96 10.90 -16.93
CA ARG B 286 -13.97 10.66 -18.37
C ARG B 286 -14.21 11.94 -19.14
N TRP B 287 -15.38 12.54 -18.95
CA TRP B 287 -15.81 13.62 -19.83
C TRP B 287 -14.94 14.87 -19.69
N TRP B 288 -14.53 15.23 -18.47
CA TRP B 288 -13.57 16.33 -18.26
C TRP B 288 -12.34 16.19 -19.21
N PHE B 289 -11.81 14.97 -19.36
CA PHE B 289 -10.61 14.76 -20.18
C PHE B 289 -10.89 14.95 -21.67
N PHE B 290 -11.97 14.35 -22.15
CA PHE B 290 -12.25 14.33 -23.58
C PHE B 290 -12.86 15.63 -24.08
N ASP B 291 -13.62 16.31 -23.22
CA ASP B 291 -14.06 17.68 -23.49
C ASP B 291 -12.89 18.67 -23.69
N ALA B 292 -11.77 18.46 -23.01
CA ALA B 292 -10.55 19.27 -23.21
C ALA B 292 -9.92 19.05 -24.58
N ILE B 293 -9.77 17.81 -24.99
CA ILE B 293 -9.00 17.48 -26.20
C ILE B 293 -9.84 17.35 -27.47
N ILE B 294 -11.17 17.44 -27.30
CA ILE B 294 -12.11 17.50 -28.43
C ILE B 294 -12.74 18.89 -28.50
N ARG B 295 -13.10 19.44 -27.35
CA ARG B 295 -13.84 20.68 -27.31
C ARG B 295 -13.04 21.85 -26.71
N GLY B 296 -11.80 21.58 -26.32
CA GLY B 296 -10.91 22.62 -25.82
C GLY B 296 -11.30 23.18 -24.48
N GLU B 297 -12.35 22.64 -23.86
CA GLU B 297 -12.79 23.10 -22.53
C GLU B 297 -11.87 22.56 -21.44
N ILE B 298 -11.26 23.44 -20.67
CA ILE B 298 -10.29 23.04 -19.63
C ILE B 298 -10.26 24.03 -18.47
N THR B 299 -9.91 23.54 -17.29
CA THR B 299 -9.69 24.38 -16.12
C THR B 299 -8.19 24.61 -15.93
N ARG B 300 -7.82 25.88 -15.77
CA ARG B 300 -6.44 26.28 -15.56
C ARG B 300 -6.37 27.05 -14.25
N GLY B 301 -6.12 26.31 -13.16
CA GLY B 301 -6.08 26.88 -11.81
C GLY B 301 -7.29 27.71 -11.40
N ASN B 302 -8.44 27.05 -11.27
CA ASN B 302 -9.66 27.70 -10.78
C ASN B 302 -10.29 28.70 -11.73
N GLU B 303 -10.08 28.51 -13.04
CA GLU B 303 -10.79 29.29 -14.07
C GLU B 303 -11.05 28.39 -15.29
N LYS B 304 -12.30 28.36 -15.74
CA LYS B 304 -12.74 27.48 -16.83
C LYS B 304 -12.67 28.17 -18.19
N ILE B 305 -11.73 27.72 -19.04
CA ILE B 305 -11.38 28.38 -20.30
C ILE B 305 -11.57 27.46 -21.52
N VAL B 306 -11.58 28.05 -22.72
CA VAL B 306 -11.53 27.32 -23.99
C VAL B 306 -10.21 27.63 -24.70
N ARG B 307 -9.41 26.60 -24.94
CA ARG B 307 -8.15 26.75 -25.66
C ARG B 307 -8.29 26.21 -27.07
N ASP B 308 -8.08 27.10 -28.06
CA ASP B 308 -8.16 26.72 -29.47
C ASP B 308 -7.03 25.82 -29.90
N ASP B 309 -5.95 25.80 -29.12
CA ASP B 309 -4.86 24.86 -29.42
C ASP B 309 -5.21 23.40 -29.05
N LEU B 310 -6.18 23.22 -28.14
CA LEU B 310 -6.65 21.90 -27.70
C LEU B 310 -7.82 21.34 -28.52
N LYS B 311 -8.78 22.23 -28.80
CA LYS B 311 -10.03 21.94 -29.48
C LYS B 311 -9.80 21.16 -30.76
N GLY B 312 -10.56 20.08 -30.97
CA GLY B 312 -10.51 19.26 -32.21
C GLY B 312 -9.36 18.28 -32.40
N ARG B 313 -8.64 18.00 -31.32
CA ARG B 313 -7.43 17.18 -31.41
C ARG B 313 -7.65 15.66 -31.21
N LEU B 314 -8.63 15.12 -31.95
CA LEU B 314 -8.99 13.70 -31.85
C LEU B 314 -9.78 13.19 -33.06
N ASP B 315 -9.32 12.07 -33.63
CA ASP B 315 -10.03 11.43 -34.74
C ASP B 315 -10.69 10.08 -34.37
N TRP B 316 -10.34 9.55 -33.20
CA TRP B 316 -10.89 8.27 -32.71
C TRP B 316 -10.50 8.04 -31.24
N ILE B 317 -11.24 7.13 -30.61
CA ILE B 317 -11.12 6.87 -29.18
C ILE B 317 -10.89 5.39 -28.99
N GLY B 318 -9.78 5.09 -28.34
CA GLY B 318 -9.44 3.72 -28.00
C GLY B 318 -10.03 3.49 -26.63
N VAL B 319 -11.00 2.58 -26.57
CA VAL B 319 -11.72 2.24 -25.33
C VAL B 319 -11.07 1.03 -24.66
N ASN B 320 -10.37 1.28 -23.57
CA ASN B 320 -9.88 0.24 -22.70
C ASN B 320 -10.98 -0.09 -21.68
N TYR B 321 -11.31 -1.36 -21.54
CA TYR B 321 -12.39 -1.74 -20.61
C TYR B 321 -12.14 -3.06 -19.90
N TYR B 322 -12.25 -3.07 -18.59
CA TYR B 322 -12.04 -4.32 -17.84
C TYR B 322 -13.24 -4.72 -16.95
N THR B 323 -13.76 -3.78 -16.19
CA THR B 323 -14.80 -4.03 -15.20
C THR B 323 -15.54 -2.72 -14.88
N ARG B 324 -16.42 -2.74 -13.88
CA ARG B 324 -17.19 -1.55 -13.43
C ARG B 324 -16.67 -0.84 -12.18
N THR B 325 -17.34 0.26 -11.85
CA THR B 325 -17.18 0.90 -10.54
C THR B 325 -18.56 1.27 -10.08
N VAL B 326 -18.89 0.86 -8.85
CA VAL B 326 -20.18 1.14 -8.26
C VAL B 326 -20.01 2.39 -7.40
N VAL B 327 -20.88 3.37 -7.64
CA VAL B 327 -20.86 4.66 -6.95
C VAL B 327 -22.16 4.95 -6.21
N LYS B 328 -22.06 5.61 -5.06
CA LYS B 328 -23.25 6.11 -4.36
C LYS B 328 -23.16 7.62 -4.07
N ARG B 329 -24.31 8.23 -3.82
CA ARG B 329 -24.40 9.65 -3.48
C ARG B 329 -23.88 9.99 -2.10
N THR B 330 -23.22 11.14 -2.00
CA THR B 330 -22.84 11.73 -0.71
C THR B 330 -23.49 13.11 -0.62
N GLU B 331 -23.56 13.67 0.58
CA GLU B 331 -23.94 15.08 0.77
C GLU B 331 -23.11 15.96 -0.19
N LYS B 332 -21.79 15.84 -0.10
CA LYS B 332 -20.90 16.60 -0.98
C LYS B 332 -20.35 15.82 -2.18
N GLY B 333 -21.22 15.08 -2.90
CA GLY B 333 -20.81 14.43 -4.16
C GLY B 333 -21.11 12.95 -4.40
N TYR B 334 -20.05 12.16 -4.59
CA TYR B 334 -20.17 10.71 -4.87
C TYR B 334 -18.95 9.94 -4.35
N VAL B 335 -19.12 8.64 -4.09
CA VAL B 335 -18.00 7.74 -3.70
C VAL B 335 -18.03 6.38 -4.40
N SER B 336 -16.84 5.88 -4.74
CA SER B 336 -16.65 4.51 -5.19
C SER B 336 -16.82 3.57 -4.01
N LEU B 337 -17.41 2.41 -4.27
CA LEU B 337 -17.60 1.40 -3.23
C LEU B 337 -16.65 0.24 -3.42
N GLY B 338 -16.03 -0.18 -2.32
CA GLY B 338 -15.22 -1.40 -2.25
C GLY B 338 -16.07 -2.66 -2.43
N GLY B 339 -15.45 -3.75 -2.88
CA GLY B 339 -16.18 -5.03 -3.02
C GLY B 339 -16.95 -5.18 -4.32
N TYR B 340 -16.77 -4.20 -5.20
CA TYR B 340 -17.26 -4.18 -6.58
C TYR B 340 -16.11 -3.75 -7.53
N GLY B 341 -16.25 -4.10 -8.81
CA GLY B 341 -15.29 -3.66 -9.80
C GLY B 341 -13.87 -4.13 -9.55
N HIS B 342 -12.92 -3.19 -9.57
CA HIS B 342 -11.49 -3.52 -9.42
C HIS B 342 -11.09 -3.64 -7.96
N GLY B 343 -12.02 -3.30 -7.06
CA GLY B 343 -11.76 -3.33 -5.62
C GLY B 343 -12.29 -4.57 -4.91
N CYS B 344 -12.13 -5.76 -5.52
CA CYS B 344 -12.57 -7.00 -4.90
C CYS B 344 -11.39 -7.89 -4.44
N GLU B 345 -11.72 -8.92 -3.65
CA GLU B 345 -10.75 -9.95 -3.31
C GLU B 345 -10.41 -10.79 -4.55
N ARG B 346 -9.15 -11.19 -4.66
CA ARG B 346 -8.68 -12.04 -5.76
C ARG B 346 -9.33 -13.42 -5.70
N ASN B 347 -9.68 -13.96 -6.86
CA ASN B 347 -10.22 -15.33 -6.93
C ASN B 347 -11.34 -15.54 -5.90
N SER B 348 -12.40 -14.76 -6.04
CA SER B 348 -13.48 -14.80 -5.11
C SER B 348 -14.73 -14.34 -5.84
N VAL B 349 -15.59 -13.61 -5.13
CA VAL B 349 -16.89 -13.21 -5.60
C VAL B 349 -17.09 -11.79 -5.07
N SER B 350 -17.66 -10.92 -5.91
CA SER B 350 -17.92 -9.55 -5.50
C SER B 350 -19.10 -9.51 -4.52
N LEU B 351 -19.38 -8.33 -3.98
CA LEU B 351 -20.59 -8.17 -3.15
C LEU B 351 -21.87 -8.45 -3.94
N ALA B 352 -21.79 -8.42 -5.27
CA ALA B 352 -22.95 -8.76 -6.09
C ALA B 352 -22.98 -10.24 -6.49
N GLY B 353 -22.06 -11.04 -5.94
CA GLY B 353 -21.98 -12.47 -6.24
C GLY B 353 -21.37 -12.79 -7.60
N LEU B 354 -20.70 -11.81 -8.22
CA LEU B 354 -20.05 -12.05 -9.51
C LEU B 354 -18.61 -12.48 -9.29
N PRO B 355 -18.10 -13.40 -10.13
CA PRO B 355 -16.75 -13.94 -9.90
C PRO B 355 -15.72 -12.86 -10.11
N THR B 356 -14.65 -12.91 -9.32
CA THR B 356 -13.54 -11.98 -9.48
C THR B 356 -12.31 -12.70 -10.07
N SER B 357 -11.44 -11.94 -10.76
CA SER B 357 -10.25 -12.51 -11.43
C SER B 357 -9.08 -12.70 -10.49
N ASP B 358 -7.95 -13.20 -11.03
CA ASP B 358 -6.68 -13.33 -10.30
C ASP B 358 -6.20 -11.98 -9.71
N PHE B 359 -6.72 -10.88 -10.25
CA PHE B 359 -6.39 -9.51 -9.86
C PHE B 359 -7.45 -8.91 -8.91
N GLY B 360 -8.56 -9.63 -8.70
CA GLY B 360 -9.64 -9.12 -7.87
C GLY B 360 -10.58 -8.22 -8.64
N TRP B 361 -10.70 -8.46 -9.94
CA TRP B 361 -11.59 -7.65 -10.80
C TRP B 361 -12.89 -8.37 -11.13
N GLU B 362 -13.99 -7.66 -10.94
CA GLU B 362 -15.34 -8.20 -11.03
C GLU B 362 -15.80 -8.43 -12.47
N PHE B 363 -16.48 -9.56 -12.70
CA PHE B 363 -17.00 -9.93 -14.03
C PHE B 363 -18.25 -9.10 -14.33
N PHE B 364 -18.15 -8.19 -15.31
CA PHE B 364 -19.25 -7.29 -15.62
C PHE B 364 -19.28 -6.86 -17.07
N PRO B 365 -19.53 -7.82 -17.99
CA PRO B 365 -19.42 -7.50 -19.42
C PRO B 365 -20.27 -6.34 -19.90
N GLU B 366 -21.43 -6.12 -19.29
CA GLU B 366 -22.40 -5.14 -19.83
C GLU B 366 -21.96 -3.68 -19.69
N GLY B 367 -20.98 -3.42 -18.82
CA GLY B 367 -20.35 -2.10 -18.75
C GLY B 367 -19.62 -1.69 -20.03
N LEU B 368 -19.13 -2.67 -20.79
CA LEU B 368 -18.51 -2.37 -22.08
C LEU B 368 -19.52 -1.72 -23.03
N TYR B 369 -20.72 -2.32 -23.13
CA TYR B 369 -21.81 -1.72 -23.90
C TYR B 369 -22.12 -0.31 -23.36
N ASP B 370 -22.25 -0.16 -22.05
CA ASP B 370 -22.44 1.15 -21.42
C ASP B 370 -21.39 2.14 -21.95
N VAL B 371 -20.11 1.80 -21.84
CA VAL B 371 -19.03 2.74 -22.15
C VAL B 371 -19.00 3.09 -23.64
N LEU B 372 -19.04 2.08 -24.51
CA LEU B 372 -19.03 2.32 -25.95
C LEU B 372 -20.16 3.26 -26.41
N THR B 373 -21.38 3.03 -25.91
CA THR B 373 -22.57 3.78 -26.35
C THR B 373 -22.64 5.19 -25.78
N LYS B 374 -22.15 5.36 -24.55
CA LYS B 374 -22.02 6.72 -23.98
C LYS B 374 -20.98 7.61 -24.70
N TYR B 375 -19.85 7.01 -25.09
CA TYR B 375 -18.85 7.70 -25.90
C TYR B 375 -19.41 8.06 -27.26
N TRP B 376 -20.11 7.11 -27.87
CA TRP B 376 -20.67 7.30 -29.20
C TRP B 376 -21.66 8.46 -29.19
N ASN B 377 -22.52 8.46 -28.18
CA ASN B 377 -23.55 9.45 -28.04
C ASN B 377 -23.05 10.84 -27.70
N ARG B 378 -21.92 10.92 -26.99
CA ARG B 378 -21.42 12.25 -26.63
C ARG B 378 -20.66 12.89 -27.78
N TYR B 379 -19.86 12.10 -28.49
CA TYR B 379 -18.85 12.64 -29.40
C TYR B 379 -19.00 12.19 -30.84
N HIS B 380 -19.60 11.03 -31.07
CA HIS B 380 -19.67 10.48 -32.42
C HIS B 380 -18.32 10.31 -33.12
N LEU B 381 -17.31 9.94 -32.33
CA LEU B 381 -16.04 9.52 -32.91
C LEU B 381 -15.97 8.00 -32.89
N TYR B 382 -15.62 7.40 -34.02
CA TYR B 382 -15.51 5.95 -34.08
C TYR B 382 -14.50 5.44 -33.05
N MET B 383 -14.62 4.16 -32.71
CA MET B 383 -13.76 3.60 -31.70
C MET B 383 -13.31 2.18 -31.95
N TYR B 384 -12.28 1.82 -31.19
CA TYR B 384 -11.76 0.47 -31.17
C TYR B 384 -11.77 0.13 -29.71
N VAL B 385 -12.08 -1.12 -29.40
CA VAL B 385 -11.83 -1.61 -28.06
C VAL B 385 -10.39 -2.02 -28.06
N THR B 386 -9.55 -1.20 -27.42
CA THR B 386 -8.08 -1.31 -27.49
C THR B 386 -7.50 -2.22 -26.39
N GLU B 387 -8.28 -2.41 -25.33
CA GLU B 387 -7.95 -3.42 -24.29
C GLU B 387 -9.24 -3.94 -23.68
N ASN B 388 -9.25 -5.26 -23.46
CA ASN B 388 -10.26 -5.96 -22.69
C ASN B 388 -9.68 -7.33 -22.41
N GLY B 389 -9.66 -7.74 -21.15
CA GLY B 389 -9.00 -9.01 -20.81
C GLY B 389 -9.07 -9.33 -19.35
N ILE B 390 -8.44 -10.41 -18.93
CA ILE B 390 -8.59 -10.90 -17.54
C ILE B 390 -7.33 -11.57 -17.03
N ALA B 391 -6.97 -11.31 -15.78
CA ALA B 391 -5.87 -12.05 -15.14
C ALA B 391 -6.39 -13.44 -14.75
N ASP B 392 -5.87 -14.47 -15.42
CA ASP B 392 -6.46 -15.78 -15.32
C ASP B 392 -5.46 -16.75 -15.92
N ASP B 393 -4.53 -17.23 -15.10
CA ASP B 393 -3.52 -18.20 -15.50
C ASP B 393 -4.13 -19.58 -15.78
N ALA B 394 -5.15 -19.95 -14.99
CA ALA B 394 -5.75 -21.29 -15.13
C ALA B 394 -6.63 -21.38 -16.35
N ASP B 395 -7.05 -20.23 -16.88
CA ASP B 395 -8.01 -20.11 -17.99
C ASP B 395 -9.45 -20.52 -17.60
N TYR B 396 -9.84 -20.39 -16.33
CA TYR B 396 -11.17 -20.84 -15.93
C TYR B 396 -12.24 -19.92 -16.50
N GLN B 397 -12.02 -18.62 -16.34
CA GLN B 397 -13.02 -17.60 -16.62
C GLN B 397 -12.87 -16.93 -17.98
N ARG B 398 -11.65 -16.95 -18.52
CA ARG B 398 -11.36 -16.21 -19.76
C ARG B 398 -12.29 -16.59 -20.92
N PRO B 399 -12.54 -17.90 -21.16
CA PRO B 399 -13.41 -18.20 -22.31
C PRO B 399 -14.74 -17.43 -22.26
N TYR B 400 -15.36 -17.38 -21.08
CA TYR B 400 -16.62 -16.66 -20.81
C TYR B 400 -16.43 -15.16 -20.94
N TYR B 401 -15.33 -14.67 -20.36
CA TYR B 401 -14.96 -13.25 -20.39
C TYR B 401 -14.82 -12.73 -21.83
N LEU B 402 -14.06 -13.45 -22.63
CA LEU B 402 -13.90 -13.11 -24.04
C LEU B 402 -15.22 -13.09 -24.81
N VAL B 403 -15.94 -14.22 -24.84
CA VAL B 403 -17.19 -14.29 -25.59
C VAL B 403 -18.19 -13.27 -25.07
N SER B 404 -18.28 -13.11 -23.75
CA SER B 404 -19.21 -12.12 -23.23
C SER B 404 -18.93 -10.68 -23.66
N HIS B 405 -17.67 -10.23 -23.60
CA HIS B 405 -17.37 -8.83 -23.94
C HIS B 405 -17.46 -8.60 -25.43
N VAL B 406 -17.09 -9.61 -26.23
CA VAL B 406 -17.21 -9.54 -27.68
C VAL B 406 -18.69 -9.35 -28.06
N TYR B 407 -19.59 -10.05 -27.37
CA TYR B 407 -21.04 -9.90 -27.58
C TYR B 407 -21.50 -8.46 -27.31
N GLN B 408 -21.00 -7.85 -26.24
CA GLN B 408 -21.34 -6.48 -25.92
C GLN B 408 -20.90 -5.46 -27.01
N VAL B 409 -19.80 -5.77 -27.72
CA VAL B 409 -19.38 -4.90 -28.82
C VAL B 409 -20.40 -5.07 -29.96
N HIS B 410 -20.77 -6.31 -30.22
CA HIS B 410 -21.80 -6.62 -31.21
C HIS B 410 -23.07 -5.88 -30.89
N ARG B 411 -23.43 -5.88 -29.60
CA ARG B 411 -24.56 -5.13 -29.09
C ARG B 411 -24.40 -3.64 -29.38
N ALA B 412 -23.21 -3.10 -29.10
CA ALA B 412 -22.95 -1.67 -29.27
C ALA B 412 -23.03 -1.23 -30.75
N ILE B 413 -22.40 -1.99 -31.64
CA ILE B 413 -22.52 -1.81 -33.08
C ILE B 413 -24.01 -1.80 -33.51
N ASN B 414 -24.75 -2.81 -33.08
CA ASN B 414 -26.17 -2.95 -33.38
C ASN B 414 -26.98 -1.73 -32.99
N SER B 415 -26.65 -1.15 -31.84
CA SER B 415 -27.35 0.05 -31.38
CA SER B 415 -27.31 0.06 -31.35
C SER B 415 -26.87 1.31 -32.12
N GLY B 416 -26.05 1.13 -33.16
CA GLY B 416 -25.60 2.28 -34.00
C GLY B 416 -24.18 2.81 -33.88
N ALA B 417 -23.49 2.45 -32.78
CA ALA B 417 -22.12 2.90 -32.48
C ALA B 417 -21.08 2.40 -33.47
N ASP B 418 -20.25 3.33 -33.96
CA ASP B 418 -19.17 2.99 -34.89
C ASP B 418 -17.99 2.41 -34.08
N VAL B 419 -17.81 1.09 -34.14
CA VAL B 419 -16.75 0.40 -33.41
C VAL B 419 -16.11 -0.53 -34.43
N ARG B 420 -14.81 -0.38 -34.66
CA ARG B 420 -14.17 -1.04 -35.81
C ARG B 420 -13.23 -2.19 -35.49
N GLY B 421 -13.03 -2.45 -34.20
CA GLY B 421 -12.23 -3.61 -33.83
C GLY B 421 -12.36 -3.94 -32.37
N TYR B 422 -11.89 -5.13 -32.02
CA TYR B 422 -11.78 -5.57 -30.64
C TYR B 422 -10.38 -6.13 -30.48
N LEU B 423 -9.67 -5.63 -29.46
CA LEU B 423 -8.28 -5.99 -29.25
C LEU B 423 -8.12 -6.50 -27.85
N HIS B 424 -7.91 -7.81 -27.71
CA HIS B 424 -7.75 -8.43 -26.39
C HIS B 424 -6.44 -8.01 -25.72
N TRP B 425 -6.49 -7.77 -24.42
CA TRP B 425 -5.26 -7.73 -23.64
C TRP B 425 -5.04 -9.09 -22.94
N SER B 426 -4.08 -9.90 -23.38
CA SER B 426 -3.15 -9.61 -24.48
C SER B 426 -2.96 -10.92 -25.21
N LEU B 427 -2.13 -10.91 -26.27
CA LEU B 427 -1.82 -12.14 -26.96
C LEU B 427 -1.13 -13.14 -26.04
N ALA B 428 -0.19 -12.66 -25.24
CA ALA B 428 0.64 -13.50 -24.39
C ALA B 428 0.80 -12.87 -23.00
N ASP B 429 1.21 -13.68 -22.03
CA ASP B 429 1.46 -13.22 -20.70
C ASP B 429 2.61 -12.21 -20.79
N ASN B 430 2.62 -11.26 -19.88
CA ASN B 430 3.67 -10.26 -19.83
C ASN B 430 3.88 -9.71 -18.42
N TYR B 431 4.74 -8.68 -18.32
CA TYR B 431 5.19 -8.12 -17.07
C TYR B 431 4.13 -7.14 -16.59
N GLU B 432 3.43 -7.46 -15.52
CA GLU B 432 2.33 -6.60 -15.12
C GLU B 432 2.81 -5.57 -14.09
N TRP B 433 3.70 -4.69 -14.54
CA TRP B 433 4.03 -3.49 -13.80
C TRP B 433 4.51 -3.81 -12.40
N ALA B 434 3.94 -3.15 -11.41
CA ALA B 434 4.36 -3.33 -10.01
C ALA B 434 3.98 -4.71 -9.42
N SER B 435 3.03 -5.40 -10.07
CA SER B 435 2.59 -6.75 -9.65
C SER B 435 3.52 -7.84 -10.18
N GLY B 436 4.24 -7.55 -11.26
CA GLY B 436 5.16 -8.54 -11.83
C GLY B 436 4.52 -9.56 -12.77
N PHE B 437 5.22 -10.67 -12.96
CA PHE B 437 4.77 -11.73 -13.85
C PHE B 437 3.55 -12.58 -13.39
N SER B 438 3.19 -12.55 -12.11
CA SER B 438 2.12 -13.44 -11.58
C SER B 438 0.74 -13.19 -12.15
N MET B 439 0.50 -11.99 -12.65
CA MET B 439 -0.78 -11.61 -13.25
C MET B 439 -0.72 -11.87 -14.73
N ARG B 440 -1.39 -12.94 -15.17
CA ARG B 440 -1.26 -13.46 -16.52
C ARG B 440 -2.49 -13.22 -17.41
N PHE B 441 -2.36 -12.30 -18.36
CA PHE B 441 -3.50 -11.82 -19.13
C PHE B 441 -3.54 -12.41 -20.52
N GLY B 442 -2.65 -13.31 -20.83
CA GLY B 442 -2.58 -13.78 -22.22
C GLY B 442 -3.59 -14.86 -22.67
N LEU B 443 -4.01 -14.75 -23.92
CA LEU B 443 -4.56 -15.89 -24.67
C LEU B 443 -3.55 -17.01 -24.73
N LEU B 444 -2.26 -16.63 -24.82
CA LEU B 444 -1.14 -17.57 -24.76
C LEU B 444 -0.40 -17.50 -23.44
N LYS B 445 -0.08 -18.67 -22.89
CA LYS B 445 0.73 -18.76 -21.70
C LYS B 445 2.23 -18.72 -22.02
N VAL B 446 2.96 -17.89 -21.25
CA VAL B 446 4.42 -17.84 -21.36
C VAL B 446 5.08 -18.69 -20.28
N ASP B 447 5.93 -19.61 -20.72
CA ASP B 447 6.92 -20.22 -19.86
C ASP B 447 8.12 -19.24 -19.88
N TYR B 448 8.37 -18.57 -18.76
CA TYR B 448 9.43 -17.55 -18.69
C TYR B 448 10.85 -18.13 -18.65
N ASN B 449 10.95 -19.45 -18.45
CA ASN B 449 12.24 -20.14 -18.50
C ASN B 449 12.70 -20.36 -19.92
N THR B 450 11.80 -20.93 -20.74
CA THR B 450 12.11 -21.27 -22.14
C THR B 450 11.64 -20.18 -23.12
N LYS B 451 10.76 -19.31 -22.64
CA LYS B 451 10.11 -18.30 -23.51
C LYS B 451 9.10 -18.90 -24.51
N ARG B 452 8.83 -20.20 -24.38
CA ARG B 452 7.77 -20.88 -25.15
C ARG B 452 6.39 -20.38 -24.82
N LEU B 453 5.58 -20.22 -25.88
CA LEU B 453 4.18 -19.80 -25.83
C LEU B 453 3.26 -21.03 -25.95
N TYR B 454 2.10 -20.99 -25.28
CA TYR B 454 1.16 -22.11 -25.25
C TYR B 454 -0.23 -21.57 -25.48
N TRP B 455 -1.06 -22.31 -26.22
CA TRP B 455 -2.44 -21.90 -26.48
C TRP B 455 -3.32 -22.32 -25.31
N ARG B 456 -3.85 -21.34 -24.58
CA ARG B 456 -4.86 -21.62 -23.58
C ARG B 456 -6.15 -21.93 -24.36
N PRO B 457 -7.00 -22.80 -23.82
CA PRO B 457 -8.27 -23.05 -24.52
C PRO B 457 -8.98 -21.78 -25.03
N SER B 458 -8.89 -20.66 -24.32
CA SER B 458 -9.49 -19.40 -24.80
CA SER B 458 -9.42 -19.35 -24.76
C SER B 458 -8.86 -18.87 -26.09
N ALA B 459 -7.64 -19.30 -26.39
CA ALA B 459 -6.99 -18.88 -27.62
C ALA B 459 -7.72 -19.62 -28.75
N LEU B 460 -7.99 -20.92 -28.54
CA LEU B 460 -8.80 -21.73 -29.49
C LEU B 460 -10.19 -21.15 -29.70
N VAL B 461 -10.81 -20.69 -28.62
CA VAL B 461 -12.10 -20.01 -28.68
C VAL B 461 -11.97 -18.77 -29.51
N TYR B 462 -10.92 -17.98 -29.24
CA TYR B 462 -10.63 -16.74 -30.01
C TYR B 462 -10.37 -17.00 -31.49
N ARG B 463 -9.62 -18.05 -31.81
CA ARG B 463 -9.49 -18.44 -33.20
C ARG B 463 -10.88 -18.62 -33.87
N GLU B 464 -11.80 -19.32 -33.20
CA GLU B 464 -13.18 -19.44 -33.70
C GLU B 464 -13.89 -18.12 -33.98
N ILE B 465 -13.75 -17.17 -33.07
CA ILE B 465 -14.38 -15.85 -33.27
C ILE B 465 -13.79 -15.12 -34.48
N ALA B 466 -12.46 -15.08 -34.54
CA ALA B 466 -11.75 -14.25 -35.51
C ALA B 466 -11.79 -14.83 -36.92
N THR B 467 -11.60 -16.15 -37.05
CA THR B 467 -11.69 -16.79 -38.35
C THR B 467 -13.10 -16.78 -38.98
N ASN B 468 -14.15 -16.51 -38.18
CA ASN B 468 -15.53 -16.49 -38.67
C ASN B 468 -16.13 -15.10 -38.69
N GLY B 469 -15.48 -14.17 -37.99
CA GLY B 469 -15.96 -12.80 -37.86
C GLY B 469 -17.28 -12.82 -37.13
N ALA B 470 -17.36 -13.69 -36.12
CA ALA B 470 -18.61 -13.98 -35.42
C ALA B 470 -18.43 -14.77 -34.14
N ILE B 471 -19.27 -14.49 -33.15
CA ILE B 471 -19.53 -15.52 -32.14
C ILE B 471 -20.41 -16.56 -32.83
N THR B 472 -19.84 -17.72 -33.12
CA THR B 472 -20.56 -18.76 -33.82
C THR B 472 -21.47 -19.54 -32.85
N ASP B 473 -22.57 -20.08 -33.38
CA ASP B 473 -23.55 -20.84 -32.59
C ASP B 473 -22.93 -21.81 -31.58
N GLU B 474 -21.86 -22.48 -31.98
CA GLU B 474 -21.30 -23.54 -31.17
C GLU B 474 -20.58 -23.11 -29.88
N ILE B 475 -20.20 -21.82 -29.82
CA ILE B 475 -19.51 -21.26 -28.65
C ILE B 475 -20.33 -20.17 -27.94
N GLU B 476 -21.54 -19.93 -28.45
CA GLU B 476 -22.46 -18.93 -27.92
C GLU B 476 -22.86 -19.07 -26.44
N HIS B 477 -22.79 -20.29 -25.89
CA HIS B 477 -23.12 -20.51 -24.47
C HIS B 477 -22.16 -19.75 -23.52
N LEU B 478 -20.95 -19.43 -24.03
CA LEU B 478 -19.92 -18.67 -23.30
C LEU B 478 -20.30 -17.20 -23.05
N ASN B 479 -21.34 -16.74 -23.72
CA ASN B 479 -21.91 -15.42 -23.42
C ASN B 479 -22.71 -15.53 -22.15
N SER B 480 -22.02 -15.84 -21.06
CA SER B 480 -22.63 -15.99 -19.73
C SER B 480 -21.56 -15.81 -18.64
N VAL B 481 -22.02 -15.69 -17.40
CA VAL B 481 -21.15 -15.52 -16.26
C VAL B 481 -20.50 -16.85 -15.88
N PRO B 482 -19.17 -16.89 -15.69
CA PRO B 482 -18.58 -18.16 -15.24
C PRO B 482 -19.30 -18.71 -13.99
N PRO B 483 -19.67 -20.00 -13.99
CA PRO B 483 -20.30 -20.55 -12.76
C PRO B 483 -19.44 -20.37 -11.50
N VAL B 484 -20.05 -19.78 -10.47
CA VAL B 484 -19.32 -19.46 -9.23
C VAL B 484 -19.22 -20.62 -8.26
N LYS B 485 -20.20 -21.51 -8.27
CA LYS B 485 -20.21 -22.64 -7.34
C LYS B 485 -18.88 -23.47 -7.34
N PRO B 486 -18.36 -23.87 -8.52
CA PRO B 486 -17.09 -24.61 -8.47
C PRO B 486 -15.83 -23.74 -8.21
N LEU B 487 -16.00 -22.41 -8.22
CA LEU B 487 -14.89 -21.48 -7.99
C LEU B 487 -14.73 -21.15 -6.51
N ARG B 488 -13.58 -20.57 -6.16
CA ARG B 488 -13.36 -20.01 -4.84
C ARG B 488 -14.33 -18.88 -4.45
N HIS B 489 -14.72 -18.92 -3.18
CA HIS B 489 -15.45 -17.86 -2.50
CA HIS B 489 -15.45 -17.84 -2.50
C HIS B 489 -14.51 -17.32 -1.39
O6 PGI C . -2.33 -5.09 15.78
C6 PGI C . -2.81 -5.21 17.11
C5 PGI C . -1.90 -4.45 18.05
C4 PGI C . -2.11 -2.93 18.00
O4 PGI C . -3.50 -2.61 18.22
C3 PGI C . -1.18 -2.25 19.05
O3 PGI C . -1.37 -0.82 19.19
C2 PGI C . 0.28 -2.50 18.70
O2 PGI C . 1.03 -2.44 19.91
N1 PGI C . -0.48 -4.70 17.71
C8 PGI C . 0.05 -5.74 17.05
C7 PGI C . 1.41 -5.53 16.96
N2 PGI C . 1.64 -4.34 17.56
C1 PGI C . 0.48 -3.82 18.01
C9 PGI C . 2.46 -6.46 16.29
C10 PGI C . 3.08 -5.76 15.07
C10 PGI C . 3.30 -5.62 15.32
C14 PGI C . 4.35 -6.39 14.46
C14 PGI C . 2.59 -5.17 14.05
C13 PGI C . 4.81 -5.88 13.23
C13 PGI C . 2.65 -5.96 12.90
C12 PGI C . 5.94 -6.41 12.61
C12 PGI C . 2.01 -5.55 11.72
C15 PGI C . 5.05 -7.44 15.07
C15 PGI C . 1.89 -3.97 14.01
C16 PGI C . 6.19 -7.97 14.47
C16 PGI C . 1.24 -3.56 12.84
C11 PGI C . 6.63 -7.46 13.25
C11 PGI C . 1.31 -4.35 11.69
C ACT D . -16.16 -24.62 35.46
O ACT D . -16.26 -23.37 35.55
OXT ACT D . -16.14 -25.05 34.29
CH3 ACT D . -16.08 -25.52 36.66
C ACT E . 4.49 -27.45 30.54
O ACT E . 4.34 -26.40 31.21
OXT ACT E . 3.52 -28.23 30.52
CH3 ACT E . 5.75 -27.78 29.80
O6 PGI F . -3.79 -4.96 -16.24
C6 PGI F . -3.81 -5.29 -17.62
C5 PGI F . -3.48 -4.07 -18.48
C4 PGI F . -2.02 -3.59 -18.41
O4 PGI F . -1.15 -4.73 -18.56
C3 PGI F . -1.83 -2.53 -19.51
O3 PGI F . -0.46 -2.10 -19.62
C2 PGI F . -2.67 -1.28 -19.18
O2 PGI F . -2.94 -0.51 -20.34
N1 PGI F . -4.30 -2.87 -18.12
C8 PGI F . -5.46 -2.81 -17.46
C7 PGI F . -5.83 -1.48 -17.38
N2 PGI F . -4.85 -0.79 -17.99
C1 PGI F . -3.93 -1.63 -18.46
C9 PGI F . -7.07 -0.94 -16.70
C10 PGI F . -6.69 0.17 -15.70
C10 PGI F . -6.74 0.13 -15.66
C14 PGI F . -5.83 -0.22 -14.49
C14 PGI F . -7.94 0.96 -15.25
C13 PGI F . -6.29 0.08 -13.21
C13 PGI F . -7.83 1.79 -14.12
C12 PGI F . -5.53 -0.24 -12.07
C12 PGI F . -8.91 2.57 -13.71
C15 PGI F . -4.58 -0.84 -14.63
C15 PGI F . -9.14 0.92 -15.96
C16 PGI F . -3.82 -1.18 -13.49
C16 PGI F . -10.20 1.71 -15.55
C11 PGI F . -4.30 -0.87 -12.21
C11 PGI F . -10.10 2.53 -14.44
C ACT G . -26.93 4.28 -28.55
O ACT G . -26.65 3.06 -28.46
OXT ACT G . -27.45 4.76 -27.52
CH3 ACT G . -26.67 5.06 -29.83
#